data_4GXG
#
_entry.id   4GXG
#
_cell.length_a   65.205
_cell.length_b   84.654
_cell.length_c   171.876
_cell.angle_alpha   90.00
_cell.angle_beta   90.00
_cell.angle_gamma   90.00
#
_symmetry.space_group_name_H-M   'P 21 21 21'
#
loop_
_entity.id
_entity.type
_entity.pdbx_description
1 polymer 'Glycolipid transfer protein'
2 non-polymer N-{(2S,3R,4E)-3-hydroxy-1-[(3-O-sulfo-beta-D-galactopyranosyl)oxy]octadec-4-en-2-yl}dodecanamide
3 water water
#
_entity_poly.entity_id   1
_entity_poly.type   'polypeptide(L)'
_entity_poly.pdbx_seq_one_letter_code
;MALLAEHLLKPLPADKQIETGPFLEAVSHLPPFFDCLGSPVFTPIKADISGNITKIKAVYDTNPAKFRTLQNILEVEKEM
YGAEWPKVGATLALMWLKRGLRFIQVFLQSICDGERDENHPNLIRVNATKAYEMALKKYHGWIVQKIFQAALYAAPYKSD
FLKALSKGQNVTEEECLEKIRLFLVNYTATIDVIYEMYTQMNAELNYKV
;
_entity_poly.pdbx_strand_id   A,B,D,E
#
loop_
_chem_comp.id
_chem_comp.type
_chem_comp.name
_chem_comp.formula
EIS non-polymer N-{(2S,3R,4E)-3-hydroxy-1-[(3-O-sulfo-beta-D-galactopyranosyl)oxy]octadec-4-en-2-yl}dodecanamide 'C36 H69 N O11 S'
#
# COMPACT_ATOMS: atom_id res chain seq x y z
N MET A 1 -1.02 -13.42 -10.24
CA MET A 1 -1.34 -13.02 -8.83
C MET A 1 -2.65 -13.63 -8.27
N ALA A 2 -2.56 -14.15 -7.04
CA ALA A 2 -3.56 -15.08 -6.54
C ALA A 2 -4.67 -14.34 -5.80
N LEU A 3 -4.50 -13.02 -5.66
CA LEU A 3 -5.38 -12.23 -4.81
C LEU A 3 -5.09 -12.47 -3.33
N LEU A 4 -4.52 -11.47 -2.67
CA LEU A 4 -3.84 -11.68 -1.39
C LEU A 4 -4.81 -11.55 -0.22
N ALA A 5 -5.85 -10.73 -0.40
CA ALA A 5 -7.01 -10.73 0.51
C ALA A 5 -7.78 -12.06 0.50
N GLU A 6 -7.55 -12.88 -0.53
CA GLU A 6 -8.14 -14.20 -0.63
C GLU A 6 -7.24 -15.24 0.07
N HIS A 7 -5.98 -14.87 0.32
CA HIS A 7 -5.01 -15.77 0.95
C HIS A 7 -4.29 -15.15 2.15
N LEU A 8 -5.09 -14.60 3.05
CA LEU A 8 -4.65 -14.11 4.36
C LEU A 8 -3.87 -15.15 5.14
N LEU A 9 -2.93 -14.70 5.96
CA LEU A 9 -2.25 -15.58 6.87
C LEU A 9 -3.12 -15.71 8.11
N LYS A 10 -2.84 -16.69 8.95
CA LYS A 10 -3.58 -16.90 10.17
C LYS A 10 -3.15 -15.89 11.21
N PRO A 11 -4.06 -15.56 12.15
CA PRO A 11 -3.75 -14.62 13.22
C PRO A 11 -2.82 -15.31 14.20
N LEU A 12 -2.13 -14.56 15.04
CA LEU A 12 -1.23 -15.20 16.02
C LEU A 12 -2.00 -15.65 17.26
N PRO A 13 -1.80 -16.93 17.67
CA PRO A 13 -2.35 -17.44 18.93
C PRO A 13 -1.60 -16.82 20.11
N ALA A 14 -2.06 -17.06 21.34
CA ALA A 14 -1.41 -16.51 22.53
C ALA A 14 0.05 -16.92 22.70
N ASP A 15 0.37 -18.17 22.37
CA ASP A 15 1.74 -18.70 22.48
C ASP A 15 2.71 -18.34 21.34
N LYS A 16 2.19 -17.62 20.34
CA LYS A 16 2.95 -17.10 19.18
C LYS A 16 3.51 -18.16 18.22
N GLN A 17 2.92 -19.36 18.24
CA GLN A 17 3.44 -20.48 17.45
C GLN A 17 2.83 -20.53 16.07
N ILE A 18 3.67 -20.68 15.05
CA ILE A 18 3.19 -20.62 13.68
C ILE A 18 3.16 -22.02 13.11
N GLU A 19 1.99 -22.41 12.62
CA GLU A 19 1.82 -23.74 12.03
C GLU A 19 2.44 -23.73 10.66
N THR A 20 3.38 -24.64 10.47
CA THR A 20 4.16 -24.75 9.25
C THR A 20 3.27 -24.93 8.03
N GLY A 21 2.28 -25.81 8.18
CA GLY A 21 1.45 -26.24 7.09
C GLY A 21 0.70 -25.13 6.40
N PRO A 22 -0.19 -24.42 7.14
CA PRO A 22 -0.92 -23.27 6.60
C PRO A 22 -0.03 -22.08 6.20
N PHE A 23 1.10 -21.92 6.93
CA PHE A 23 2.06 -20.85 6.63
C PHE A 23 2.67 -20.98 5.23
N LEU A 24 3.06 -22.19 4.87
CA LEU A 24 3.72 -22.44 3.60
C LEU A 24 2.70 -22.33 2.46
N GLU A 25 1.48 -22.82 2.71
CA GLU A 25 0.37 -22.72 1.76
C GLU A 25 0.10 -21.27 1.43
N ALA A 26 0.04 -20.45 2.50
CA ALA A 26 -0.19 -19.03 2.38
C ALA A 26 0.94 -18.35 1.59
N VAL A 27 2.18 -18.62 1.97
CA VAL A 27 3.32 -17.96 1.36
C VAL A 27 3.66 -18.45 -0.05
N SER A 28 3.10 -19.58 -0.47
CA SER A 28 3.28 -20.12 -1.83
C SER A 28 2.67 -19.21 -2.91
N HIS A 29 1.78 -18.33 -2.47
CA HIS A 29 1.03 -17.44 -3.34
C HIS A 29 1.78 -16.15 -3.64
N LEU A 30 2.85 -15.93 -2.87
CA LEU A 30 3.62 -14.70 -2.88
C LEU A 30 4.74 -14.54 -3.93
N PRO A 31 5.50 -15.62 -4.25
CA PRO A 31 6.53 -15.44 -5.31
C PRO A 31 6.10 -14.73 -6.63
N PRO A 32 4.87 -14.98 -7.14
CA PRO A 32 4.38 -14.17 -8.27
C PRO A 32 4.37 -12.62 -8.14
N PHE A 33 4.50 -12.10 -6.91
CA PHE A 33 4.72 -10.66 -6.66
C PHE A 33 5.88 -10.12 -7.49
N PHE A 34 6.88 -10.96 -7.71
CA PHE A 34 8.04 -10.59 -8.51
C PHE A 34 7.75 -10.56 -10.03
N ASP A 35 6.69 -11.26 -10.46
CA ASP A 35 6.22 -11.09 -11.84
C ASP A 35 5.53 -9.76 -12.06
N CYS A 36 4.98 -9.18 -10.99
CA CYS A 36 4.28 -7.88 -11.08
C CYS A 36 5.21 -6.69 -11.29
N LEU A 37 6.51 -6.92 -11.09
CA LEU A 37 7.53 -5.92 -11.36
C LEU A 37 7.77 -5.79 -12.87
N GLY A 38 7.30 -6.78 -13.64
CA GLY A 38 7.25 -6.70 -15.10
C GLY A 38 8.55 -6.87 -15.88
N SER A 39 9.57 -7.46 -15.26
CA SER A 39 10.91 -7.58 -15.85
C SER A 39 11.57 -8.92 -15.52
N PRO A 40 12.12 -9.59 -16.55
CA PRO A 40 12.95 -10.80 -16.41
C PRO A 40 14.15 -10.67 -15.47
N VAL A 41 14.59 -9.45 -15.15
CA VAL A 41 15.73 -9.35 -14.25
C VAL A 41 15.37 -9.79 -12.82
N PHE A 42 14.08 -9.86 -12.51
CA PHE A 42 13.61 -10.25 -11.19
C PHE A 42 13.28 -11.73 -11.03
N THR A 43 13.49 -12.51 -12.07
CA THR A 43 13.12 -13.92 -12.10
C THR A 43 14.06 -14.78 -11.25
N PRO A 44 15.38 -14.49 -11.28
CA PRO A 44 16.21 -15.12 -10.26
C PRO A 44 15.69 -14.93 -8.84
N ILE A 45 15.09 -13.79 -8.54
CA ILE A 45 14.55 -13.51 -7.21
C ILE A 45 13.37 -14.44 -6.89
N LYS A 46 12.34 -14.39 -7.74
CA LYS A 46 11.21 -15.31 -7.72
C LYS A 46 11.67 -16.76 -7.50
N ALA A 47 12.56 -17.24 -8.37
CA ALA A 47 13.14 -18.57 -8.29
C ALA A 47 13.81 -18.85 -6.95
N ASP A 48 14.49 -17.87 -6.38
CA ASP A 48 15.20 -18.07 -5.10
C ASP A 48 14.24 -18.17 -3.92
N ILE A 49 13.24 -17.28 -3.90
CA ILE A 49 12.20 -17.33 -2.84
C ILE A 49 11.31 -18.58 -2.89
N SER A 50 10.98 -19.05 -4.09
CA SER A 50 10.32 -20.35 -4.31
C SER A 50 11.14 -21.50 -3.75
N GLY A 51 12.44 -21.44 -4.04
CA GLY A 51 13.40 -22.44 -3.61
C GLY A 51 13.27 -22.72 -2.15
N ASN A 52 13.34 -21.67 -1.32
CA ASN A 52 13.15 -21.77 0.13
C ASN A 52 11.87 -22.49 0.51
N ILE A 53 10.75 -22.07 -0.08
CA ILE A 53 9.40 -22.59 0.25
C ILE A 53 9.31 -24.07 -0.06
N THR A 54 9.74 -24.41 -1.27
CA THR A 54 9.93 -25.79 -1.73
C THR A 54 10.76 -26.66 -0.80
N LYS A 55 11.90 -26.17 -0.32
CA LYS A 55 12.71 -26.92 0.64
C LYS A 55 12.00 -27.12 1.99
N ILE A 56 11.33 -26.08 2.48
CA ILE A 56 10.66 -26.18 3.76
C ILE A 56 9.45 -27.12 3.63
N LYS A 57 8.72 -26.99 2.52
CA LYS A 57 7.60 -27.88 2.20
C LYS A 57 8.06 -29.34 2.10
N ALA A 58 9.26 -29.55 1.55
CA ALA A 58 9.81 -30.91 1.39
C ALA A 58 10.12 -31.55 2.73
N VAL A 59 10.80 -30.80 3.59
CA VAL A 59 11.15 -31.22 4.93
C VAL A 59 9.90 -31.48 5.74
N TYR A 60 8.91 -30.59 5.59
CA TYR A 60 7.65 -30.67 6.32
C TYR A 60 6.92 -31.94 5.96
N ASP A 61 6.98 -32.26 4.66
CA ASP A 61 6.29 -33.39 4.14
C ASP A 61 6.82 -34.68 4.72
N THR A 62 8.08 -34.67 5.16
CA THR A 62 8.68 -35.90 5.71
C THR A 62 7.93 -36.36 6.97
N ASN A 63 7.48 -35.40 7.78
CA ASN A 63 6.81 -35.67 9.05
C ASN A 63 6.03 -34.43 9.51
N PRO A 64 4.83 -34.21 8.94
CA PRO A 64 3.99 -33.07 9.27
C PRO A 64 3.75 -32.85 10.77
N ALA A 65 3.79 -33.94 11.53
CA ALA A 65 3.46 -33.88 12.95
C ALA A 65 4.63 -33.37 13.79
N LYS A 66 5.85 -33.78 13.42
CA LYS A 66 7.07 -33.36 14.15
C LYS A 66 7.55 -31.97 13.74
N PHE A 67 7.09 -31.51 12.58
CA PHE A 67 7.48 -30.23 12.00
C PHE A 67 6.25 -29.38 11.93
N ARG A 68 5.37 -29.58 12.91
CA ARG A 68 4.04 -29.02 12.89
C ARG A 68 4.01 -27.50 13.04
N THR A 69 4.94 -26.96 13.82
CA THR A 69 5.18 -25.52 13.91
C THR A 69 6.56 -25.14 13.35
N LEU A 70 6.81 -23.85 13.16
CA LEU A 70 8.13 -23.40 12.68
C LEU A 70 9.22 -23.53 13.75
N GLN A 71 8.81 -23.35 15.01
CA GLN A 71 9.67 -23.52 16.17
C GLN A 71 10.20 -24.93 16.20
N ASN A 72 9.32 -25.89 15.91
CA ASN A 72 9.67 -27.32 15.73
C ASN A 72 10.76 -27.60 14.70
N ILE A 73 10.60 -27.04 13.51
CA ILE A 73 11.63 -27.20 12.48
C ILE A 73 13.02 -26.87 13.08
N LEU A 74 13.12 -25.73 13.75
CA LEU A 74 14.40 -25.30 14.32
C LEU A 74 14.93 -26.26 15.42
N GLU A 75 14.05 -26.63 16.35
CA GLU A 75 14.33 -27.63 17.41
C GLU A 75 14.76 -28.97 16.88
N VAL A 76 13.97 -29.50 15.95
CA VAL A 76 14.18 -30.86 15.43
C VAL A 76 15.40 -30.92 14.56
N GLU A 77 15.55 -29.96 13.65
CA GLU A 77 16.74 -29.91 12.80
C GLU A 77 18.01 -29.68 13.59
N LYS A 78 17.90 -29.10 14.77
CA LYS A 78 19.07 -28.94 15.63
C LYS A 78 19.49 -30.27 16.28
N GLU A 79 18.53 -31.16 16.50
CA GLU A 79 18.82 -32.49 17.02
C GLU A 79 19.41 -33.32 15.91
N MET A 80 18.81 -33.24 14.74
CA MET A 80 19.29 -33.94 13.55
C MET A 80 20.73 -33.59 13.17
N TYR A 81 21.06 -32.30 13.04
CA TYR A 81 22.37 -31.90 12.50
C TYR A 81 23.41 -31.47 13.53
N GLY A 82 23.01 -31.32 14.78
CA GLY A 82 23.94 -30.92 15.82
C GLY A 82 24.70 -29.60 15.59
N ALA A 83 26.02 -29.70 15.48
CA ALA A 83 26.93 -28.54 15.49
C ALA A 83 26.84 -27.69 14.23
N GLU A 84 26.46 -28.34 13.13
CA GLU A 84 26.32 -27.71 11.85
C GLU A 84 25.09 -26.81 11.74
N TRP A 85 24.10 -27.07 12.59
CA TRP A 85 22.96 -26.19 12.74
C TRP A 85 23.42 -24.81 13.26
N PRO A 86 22.83 -23.69 12.76
CA PRO A 86 21.67 -23.59 11.85
C PRO A 86 21.91 -23.50 10.34
N LYS A 87 23.15 -23.61 9.87
CA LYS A 87 23.44 -23.46 8.43
C LYS A 87 23.03 -24.69 7.59
N VAL A 88 21.77 -25.08 7.72
CA VAL A 88 21.36 -26.40 7.27
C VAL A 88 19.84 -26.53 6.94
N GLY A 89 19.47 -27.44 6.05
CA GLY A 89 18.07 -27.85 5.88
C GLY A 89 17.05 -26.73 5.73
N ALA A 90 15.91 -26.87 6.41
CA ALA A 90 14.82 -25.86 6.44
C ALA A 90 15.02 -24.68 7.39
N THR A 91 15.85 -24.84 8.43
CA THR A 91 16.31 -23.68 9.22
C THR A 91 17.07 -22.65 8.36
N LEU A 92 17.93 -23.11 7.45
CA LEU A 92 18.64 -22.21 6.54
C LEU A 92 17.70 -21.64 5.46
N ALA A 93 16.79 -22.46 4.95
CA ALA A 93 15.78 -22.02 3.97
C ALA A 93 14.81 -20.98 4.54
N LEU A 94 14.37 -21.13 5.78
CA LEU A 94 13.50 -20.11 6.40
C LEU A 94 14.27 -18.85 6.87
N MET A 95 15.55 -18.98 7.16
CA MET A 95 16.38 -17.82 7.48
C MET A 95 16.41 -16.80 6.32
N TRP A 96 16.49 -17.28 5.10
CA TRP A 96 16.63 -16.44 3.91
C TRP A 96 15.25 -16.02 3.43
N LEU A 97 14.30 -16.97 3.53
CA LEU A 97 12.93 -16.70 3.19
C LEU A 97 12.31 -15.57 4.06
N LYS A 98 12.58 -15.60 5.36
CA LYS A 98 12.08 -14.54 6.24
C LYS A 98 12.61 -13.19 5.80
N ARG A 99 13.78 -13.15 5.16
CA ARG A 99 14.34 -11.89 4.68
C ARG A 99 13.63 -11.34 3.43
N GLY A 100 13.20 -12.23 2.54
CA GLY A 100 12.46 -11.90 1.33
C GLY A 100 11.01 -11.56 1.59
N LEU A 101 10.44 -12.24 2.58
CA LEU A 101 9.13 -11.93 3.12
C LEU A 101 9.11 -10.53 3.74
N ARG A 102 10.12 -10.20 4.53
CA ARG A 102 10.23 -8.83 5.01
C ARG A 102 10.41 -7.77 3.90
N PHE A 103 11.13 -8.09 2.83
CA PHE A 103 11.23 -7.19 1.69
C PHE A 103 9.83 -6.89 1.13
N ILE A 104 9.05 -7.91 0.85
CA ILE A 104 7.70 -7.73 0.30
C ILE A 104 6.84 -6.94 1.30
N GLN A 105 7.05 -7.19 2.58
CA GLN A 105 6.30 -6.56 3.65
C GLN A 105 6.61 -5.06 3.73
N VAL A 106 7.89 -4.69 3.84
CA VAL A 106 8.28 -3.29 4.00
C VAL A 106 7.94 -2.48 2.74
N PHE A 107 8.12 -3.11 1.59
CA PHE A 107 7.87 -2.52 0.28
C PHE A 107 6.40 -2.15 0.10
N LEU A 108 5.50 -3.10 0.36
CA LEU A 108 4.05 -2.90 0.25
C LEU A 108 3.52 -1.94 1.30
N GLN A 109 3.97 -2.08 2.55
CA GLN A 109 3.62 -1.11 3.58
C GLN A 109 4.01 0.32 3.14
N SER A 110 5.23 0.48 2.64
CA SER A 110 5.68 1.74 2.04
C SER A 110 4.66 2.30 0.99
N ILE A 111 4.32 1.49 -0.01
CA ILE A 111 3.36 1.90 -1.06
C ILE A 111 1.97 2.22 -0.51
N CYS A 112 1.55 1.49 0.51
CA CYS A 112 0.29 1.75 1.19
C CYS A 112 0.30 3.06 2.01
N ASP A 113 1.37 3.28 2.76
CA ASP A 113 1.52 4.49 3.57
C ASP A 113 1.64 5.77 2.73
N GLY A 114 1.85 5.64 1.43
CA GLY A 114 1.94 6.78 0.52
C GLY A 114 3.33 7.37 0.46
N GLU A 115 4.33 6.62 0.93
CA GLU A 115 5.71 7.07 0.88
C GLU A 115 6.14 7.17 -0.61
N ARG A 116 7.03 8.12 -0.89
CA ARG A 116 7.40 8.44 -2.27
C ARG A 116 8.37 9.60 -2.33
N ASP A 117 9.17 9.60 -3.40
CA ASP A 117 9.95 10.73 -3.81
C ASP A 117 8.98 11.73 -4.43
N GLU A 118 8.82 12.89 -3.78
CA GLU A 118 7.94 13.94 -4.26
C GLU A 118 8.32 14.46 -5.67
N ASN A 119 9.62 14.43 -6.00
CA ASN A 119 10.15 14.78 -7.32
C ASN A 119 9.74 13.76 -8.40
N HIS A 120 9.62 12.48 -8.01
CA HIS A 120 9.32 11.39 -8.94
C HIS A 120 8.20 10.50 -8.38
N PRO A 121 6.97 11.03 -8.23
CA PRO A 121 6.00 10.21 -7.48
C PRO A 121 5.50 8.91 -8.14
N ASN A 122 5.63 8.71 -9.46
CA ASN A 122 5.22 7.44 -10.08
C ASN A 122 6.36 6.41 -10.24
N LEU A 123 7.46 6.61 -9.52
CA LEU A 123 8.47 5.59 -9.38
C LEU A 123 8.23 4.85 -8.04
N ILE A 124 8.88 3.68 -7.88
CA ILE A 124 8.80 2.82 -6.67
C ILE A 124 10.21 2.54 -6.11
N ARG A 125 11.18 3.31 -6.58
CA ARG A 125 12.59 3.14 -6.25
C ARG A 125 12.92 3.36 -4.78
N VAL A 126 12.34 4.40 -4.17
CA VAL A 126 12.60 4.71 -2.77
C VAL A 126 11.97 3.67 -1.81
N ASN A 127 10.86 3.08 -2.25
CA ASN A 127 10.14 2.03 -1.54
C ASN A 127 10.95 0.73 -1.58
N ALA A 128 11.42 0.39 -2.77
CA ALA A 128 12.31 -0.74 -2.96
C ALA A 128 13.61 -0.58 -2.17
N THR A 129 14.21 0.61 -2.21
CA THR A 129 15.52 0.82 -1.61
C THR A 129 15.41 0.69 -0.10
N LYS A 130 14.35 1.27 0.46
CA LYS A 130 14.03 1.12 1.87
C LYS A 130 13.77 -0.34 2.24
N ALA A 131 12.95 -1.03 1.45
CA ALA A 131 12.66 -2.44 1.70
C ALA A 131 13.96 -3.25 1.72
N TYR A 132 14.77 -3.09 0.66
CA TYR A 132 16.06 -3.76 0.52
C TYR A 132 16.99 -3.55 1.69
N GLU A 133 17.13 -2.28 2.08
CA GLU A 133 17.99 -1.87 3.17
C GLU A 133 17.70 -2.54 4.51
N MET A 134 16.42 -2.58 4.88
CA MET A 134 16.01 -3.08 6.17
C MET A 134 15.71 -4.62 6.18
N ALA A 135 15.63 -5.22 4.99
CA ALA A 135 15.46 -6.68 4.85
C ALA A 135 16.72 -7.47 4.44
N LEU A 136 17.46 -6.98 3.43
CA LEU A 136 18.53 -7.77 2.76
C LEU A 136 19.96 -7.20 2.70
N LYS A 137 20.08 -5.89 2.50
CA LYS A 137 21.35 -5.21 2.23
C LYS A 137 22.53 -5.71 3.04
N LYS A 138 22.24 -5.96 4.33
CA LYS A 138 23.20 -6.44 5.34
C LYS A 138 23.84 -7.80 5.03
N TYR A 139 23.19 -8.62 4.22
CA TYR A 139 23.63 -9.97 3.95
C TYR A 139 24.15 -10.13 2.53
N HIS A 140 24.52 -9.00 1.93
CA HIS A 140 25.02 -8.92 0.56
C HIS A 140 26.37 -8.22 0.52
N GLY A 141 27.34 -8.84 -0.14
CA GLY A 141 28.66 -8.21 -0.34
C GLY A 141 28.59 -7.12 -1.38
N TRP A 142 29.74 -6.53 -1.71
CA TRP A 142 29.84 -5.45 -2.71
C TRP A 142 29.15 -5.79 -4.03
N ILE A 143 29.38 -7.01 -4.55
CA ILE A 143 28.87 -7.42 -5.89
C ILE A 143 27.35 -7.43 -5.95
N VAL A 144 26.72 -8.10 -5.00
CA VAL A 144 25.25 -8.25 -5.04
C VAL A 144 24.56 -6.88 -4.79
N GLN A 145 25.20 -6.06 -3.97
CA GLN A 145 24.69 -4.72 -3.75
C GLN A 145 24.78 -3.87 -5.02
N LYS A 146 25.85 -3.96 -5.79
CA LYS A 146 25.90 -3.35 -7.11
C LYS A 146 24.93 -3.90 -8.12
N ILE A 147 24.70 -5.18 -8.03
CA ILE A 147 23.67 -5.83 -8.86
C ILE A 147 22.24 -5.34 -8.51
N PHE A 148 21.96 -5.20 -7.22
CA PHE A 148 20.70 -4.57 -6.80
C PHE A 148 20.46 -3.18 -7.42
N GLN A 149 21.45 -2.29 -7.34
CA GLN A 149 21.25 -0.95 -7.86
C GLN A 149 21.14 -0.81 -9.38
N ALA A 150 21.82 -1.68 -10.11
CA ALA A 150 21.57 -1.84 -11.53
C ALA A 150 20.12 -2.28 -11.71
N ALA A 151 19.72 -3.32 -10.98
CA ALA A 151 18.37 -3.91 -11.12
C ALA A 151 17.20 -2.99 -10.72
N LEU A 152 17.47 -1.95 -9.91
CA LEU A 152 16.48 -0.96 -9.46
C LEU A 152 15.91 -0.08 -10.60
N TYR A 153 16.74 0.27 -11.58
CA TYR A 153 16.20 0.67 -12.88
C TYR A 153 15.58 -0.62 -13.35
N ALA A 154 14.64 -0.55 -14.28
CA ALA A 154 13.87 -1.72 -14.69
C ALA A 154 12.84 -2.19 -13.65
N ALA A 155 12.80 -1.54 -12.49
CA ALA A 155 11.61 -1.55 -11.66
C ALA A 155 10.52 -0.75 -12.39
N PRO A 156 9.23 -1.16 -12.25
CA PRO A 156 8.19 -0.49 -13.02
C PRO A 156 7.75 0.85 -12.43
N TYR A 157 6.80 1.49 -13.11
CA TYR A 157 6.09 2.63 -12.53
C TYR A 157 5.18 2.11 -11.44
N LYS A 158 5.02 2.89 -10.37
CA LYS A 158 3.99 2.60 -9.35
C LYS A 158 2.64 2.16 -9.95
N SER A 159 2.07 2.99 -10.83
CA SER A 159 0.77 2.78 -11.45
C SER A 159 0.72 1.48 -12.22
N ASP A 160 1.80 1.17 -12.92
CA ASP A 160 1.90 -0.11 -13.61
C ASP A 160 2.05 -1.30 -12.68
N PHE A 161 2.89 -1.17 -11.65
CA PHE A 161 3.04 -2.23 -10.64
C PHE A 161 1.70 -2.52 -9.96
N LEU A 162 1.00 -1.47 -9.53
CA LEU A 162 -0.30 -1.62 -8.88
C LEU A 162 -1.36 -2.17 -9.82
N LYS A 163 -1.20 -1.93 -11.12
CA LYS A 163 -2.12 -2.46 -12.14
C LYS A 163 -1.86 -3.94 -12.43
N ALA A 164 -0.58 -4.32 -12.36
CA ALA A 164 -0.13 -5.72 -12.47
C ALA A 164 -0.65 -6.57 -11.32
N LEU A 165 -0.70 -5.99 -10.13
CA LEU A 165 -1.26 -6.68 -8.97
C LEU A 165 -2.76 -6.95 -9.16
N SER A 166 -3.49 -5.91 -9.54
CA SER A 166 -4.95 -5.95 -9.47
C SER A 166 -5.54 -6.79 -10.59
N LYS A 167 -4.67 -7.41 -11.37
CA LYS A 167 -5.07 -8.01 -12.64
C LYS A 167 -6.55 -8.37 -12.64
N GLY A 168 -6.86 -9.58 -12.18
CA GLY A 168 -8.05 -10.29 -12.61
C GLY A 168 -9.32 -9.53 -12.27
N GLN A 169 -9.25 -8.69 -11.23
CA GLN A 169 -10.40 -7.93 -10.77
C GLN A 169 -10.61 -6.65 -11.55
N ASN A 170 -11.83 -6.12 -11.51
CA ASN A 170 -12.03 -4.73 -11.90
C ASN A 170 -12.07 -3.88 -10.64
N VAL A 171 -10.86 -3.53 -10.19
CA VAL A 171 -10.64 -2.89 -8.92
C VAL A 171 -9.79 -1.64 -9.16
N THR A 172 -9.96 -0.63 -8.30
CA THR A 172 -9.19 0.61 -8.40
C THR A 172 -7.89 0.53 -7.60
N GLU A 173 -6.95 1.42 -7.93
CA GLU A 173 -5.66 1.47 -7.26
C GLU A 173 -5.81 1.62 -5.75
N GLU A 174 -6.86 2.32 -5.34
CA GLU A 174 -7.07 2.60 -3.92
C GLU A 174 -7.84 1.48 -3.24
N GLU A 175 -8.59 0.72 -4.03
CA GLU A 175 -9.22 -0.50 -3.54
C GLU A 175 -8.20 -1.64 -3.44
N CYS A 176 -7.33 -1.73 -4.44
CA CYS A 176 -6.24 -2.70 -4.43
C CYS A 176 -5.37 -2.50 -3.18
N LEU A 177 -5.08 -1.25 -2.85
CA LEU A 177 -4.32 -0.92 -1.64
C LEU A 177 -5.02 -1.28 -0.33
N GLU A 178 -6.35 -1.23 -0.32
CA GLU A 178 -7.17 -1.73 0.80
C GLU A 178 -6.98 -3.24 1.03
N LYS A 179 -7.07 -4.02 -0.05
CA LYS A 179 -6.86 -5.45 0.01
C LYS A 179 -5.41 -5.80 0.44
N ILE A 180 -4.44 -5.03 -0.05
CA ILE A 180 -3.05 -5.19 0.38
C ILE A 180 -2.89 -4.89 1.87
N ARG A 181 -3.51 -3.82 2.35
CA ARG A 181 -3.37 -3.36 3.74
C ARG A 181 -3.87 -4.36 4.79
N LEU A 182 -4.86 -5.13 4.35
CA LEU A 182 -5.51 -6.14 5.13
C LEU A 182 -4.64 -7.40 5.16
N PHE A 183 -4.09 -7.76 3.99
CA PHE A 183 -3.05 -8.78 3.92
C PHE A 183 -1.87 -8.48 4.89
N LEU A 184 -1.38 -7.24 4.84
CA LEU A 184 -0.17 -6.87 5.57
C LEU A 184 -0.27 -7.22 7.05
N VAL A 185 -1.50 -7.44 7.51
CA VAL A 185 -1.82 -7.33 8.93
C VAL A 185 -1.21 -8.50 9.71
N ASN A 186 -1.72 -9.70 9.45
CA ASN A 186 -1.14 -10.91 10.01
C ASN A 186 0.17 -11.30 9.35
N TYR A 187 0.41 -10.75 8.16
CA TYR A 187 1.66 -10.97 7.46
C TYR A 187 2.85 -10.40 8.22
N THR A 188 2.77 -9.11 8.52
CA THR A 188 3.72 -8.40 9.37
C THR A 188 3.86 -9.07 10.72
N ALA A 189 2.74 -9.42 11.34
CA ALA A 189 2.78 -9.98 12.69
C ALA A 189 3.56 -11.28 12.73
N THR A 190 3.31 -12.12 11.74
CA THR A 190 3.98 -13.41 11.55
C THR A 190 5.49 -13.36 11.21
N ILE A 191 5.87 -12.44 10.33
CA ILE A 191 7.27 -12.25 9.97
C ILE A 191 8.01 -11.78 11.21
N ASP A 192 7.38 -10.89 11.94
CA ASP A 192 7.92 -10.32 13.14
C ASP A 192 8.25 -11.41 14.15
N VAL A 193 7.36 -12.39 14.23
CA VAL A 193 7.48 -13.51 15.18
C VAL A 193 8.56 -14.50 14.74
N ILE A 194 8.74 -14.68 13.43
CA ILE A 194 9.79 -15.56 12.94
C ILE A 194 11.18 -15.01 13.24
N TYR A 195 11.35 -13.71 13.01
CA TYR A 195 12.57 -12.98 13.34
C TYR A 195 12.95 -13.13 14.83
N GLU A 196 11.99 -12.91 15.72
CA GLU A 196 12.17 -13.14 17.17
C GLU A 196 12.54 -14.58 17.51
N MET A 197 11.94 -15.54 16.84
CA MET A 197 12.30 -16.94 17.03
C MET A 197 13.76 -17.19 16.66
N TYR A 198 14.21 -16.59 15.56
CA TYR A 198 15.60 -16.79 15.08
C TYR A 198 16.58 -16.19 16.08
N THR A 199 16.20 -15.02 16.61
CA THR A 199 16.93 -14.39 17.71
C THR A 199 16.92 -15.25 18.99
N GLN A 200 15.75 -15.73 19.41
CA GLN A 200 15.69 -16.53 20.65
C GLN A 200 16.41 -17.90 20.57
N MET A 201 16.29 -18.56 19.43
CA MET A 201 16.94 -19.85 19.16
C MET A 201 18.43 -19.78 18.82
N ASN A 202 18.93 -18.57 18.61
CA ASN A 202 20.28 -18.36 18.07
C ASN A 202 20.42 -19.11 16.74
N ALA A 203 19.44 -18.90 15.87
CA ALA A 203 19.37 -19.54 14.56
C ALA A 203 19.77 -18.55 13.44
N GLU A 204 19.90 -17.28 13.80
CA GLU A 204 20.23 -16.20 12.86
C GLU A 204 21.73 -16.17 12.56
N LEU A 205 22.08 -16.21 11.27
CA LEU A 205 23.48 -16.06 10.83
C LEU A 205 23.71 -14.81 9.99
N ASN A 206 24.95 -14.33 9.99
CA ASN A 206 25.24 -13.00 9.41
C ASN A 206 26.07 -12.99 8.15
N TYR A 207 26.53 -14.18 7.75
CA TYR A 207 27.34 -14.32 6.54
C TYR A 207 26.70 -13.64 5.32
N LYS A 208 27.57 -13.18 4.41
CA LYS A 208 27.19 -12.39 3.25
C LYS A 208 27.31 -13.24 1.98
N VAL A 209 26.48 -12.99 0.99
CA VAL A 209 26.68 -13.63 -0.31
C VAL A 209 27.31 -12.67 -1.33
N LEU B 3 34.61 -33.07 -16.18
CA LEU B 3 35.49 -32.76 -17.33
C LEU B 3 34.73 -32.50 -18.63
N LEU B 4 35.15 -31.46 -19.34
CA LEU B 4 34.68 -31.19 -20.70
C LEU B 4 35.51 -32.03 -21.68
N ALA B 5 36.74 -32.32 -21.25
CA ALA B 5 37.71 -33.09 -22.03
C ALA B 5 37.13 -34.30 -22.75
N GLU B 6 36.62 -35.26 -21.96
CA GLU B 6 36.22 -36.59 -22.44
C GLU B 6 34.91 -36.60 -23.22
N HIS B 7 33.97 -35.78 -22.79
CA HIS B 7 32.66 -35.69 -23.42
C HIS B 7 32.72 -34.80 -24.67
N LEU B 8 33.49 -35.27 -25.65
CA LEU B 8 33.64 -34.58 -26.91
C LEU B 8 32.33 -34.60 -27.70
N LEU B 9 32.14 -33.57 -28.53
CA LEU B 9 31.07 -33.58 -29.51
C LEU B 9 31.48 -34.45 -30.68
N LYS B 10 30.49 -35.11 -31.30
CA LYS B 10 30.70 -35.88 -32.52
C LYS B 10 31.17 -34.95 -33.62
N PRO B 11 32.04 -35.45 -34.53
CA PRO B 11 32.36 -34.59 -35.67
C PRO B 11 31.12 -34.47 -36.57
N LEU B 12 31.03 -33.38 -37.33
CA LEU B 12 29.86 -33.18 -38.18
C LEU B 12 29.85 -34.12 -39.40
N PRO B 13 28.65 -34.48 -39.90
CA PRO B 13 28.59 -35.15 -41.20
C PRO B 13 28.66 -34.11 -42.32
N ALA B 14 28.95 -34.55 -43.55
CA ALA B 14 29.18 -33.64 -44.68
C ALA B 14 27.95 -32.84 -45.14
N ASP B 15 26.76 -33.30 -44.74
CA ASP B 15 25.51 -32.58 -45.05
C ASP B 15 25.22 -31.47 -44.01
N LYS B 16 25.91 -31.55 -42.87
CA LYS B 16 25.92 -30.55 -41.79
C LYS B 16 24.71 -30.58 -40.86
N GLN B 17 23.92 -31.65 -40.93
CA GLN B 17 22.77 -31.83 -40.04
C GLN B 17 23.22 -32.35 -38.68
N ILE B 18 22.67 -31.76 -37.61
CA ILE B 18 23.03 -32.11 -36.24
C ILE B 18 21.93 -32.96 -35.64
N GLU B 19 22.30 -34.15 -35.16
CA GLU B 19 21.36 -35.07 -34.50
C GLU B 19 21.00 -34.51 -33.14
N THR B 20 19.70 -34.42 -32.88
CA THR B 20 19.17 -33.71 -31.72
C THR B 20 19.48 -34.44 -30.43
N GLY B 21 19.13 -35.72 -30.36
CA GLY B 21 19.55 -36.59 -29.25
C GLY B 21 20.97 -36.38 -28.74
N PRO B 22 21.99 -36.79 -29.54
CA PRO B 22 23.42 -36.68 -29.18
C PRO B 22 23.95 -35.26 -28.92
N PHE B 23 23.30 -34.26 -29.51
CA PHE B 23 23.67 -32.86 -29.24
C PHE B 23 23.30 -32.53 -27.81
N LEU B 24 22.17 -33.08 -27.35
CA LEU B 24 21.67 -32.82 -26.00
C LEU B 24 22.45 -33.56 -24.93
N GLU B 25 22.91 -34.77 -25.25
CA GLU B 25 23.76 -35.55 -24.36
C GLU B 25 25.05 -34.77 -24.11
N ALA B 26 25.72 -34.36 -25.19
CA ALA B 26 26.98 -33.61 -25.11
C ALA B 26 26.85 -32.36 -24.25
N VAL B 27 25.99 -31.44 -24.68
CA VAL B 27 25.85 -30.12 -24.05
C VAL B 27 25.40 -30.19 -22.60
N SER B 28 24.73 -31.27 -22.22
CA SER B 28 24.23 -31.44 -20.86
C SER B 28 25.34 -31.55 -19.81
N HIS B 29 26.56 -31.87 -20.25
CA HIS B 29 27.73 -31.90 -19.36
C HIS B 29 28.28 -30.50 -19.08
N LEU B 30 27.86 -29.53 -19.88
CA LEU B 30 28.43 -28.18 -19.90
C LEU B 30 28.01 -27.21 -18.78
N PRO B 31 26.72 -27.16 -18.38
CA PRO B 31 26.36 -26.25 -17.27
C PRO B 31 27.24 -26.26 -15.99
N PRO B 32 27.78 -27.43 -15.55
CA PRO B 32 28.79 -27.35 -14.46
C PRO B 32 30.07 -26.58 -14.84
N PHE B 33 30.09 -25.93 -15.99
CA PHE B 33 31.19 -25.05 -16.36
C PHE B 33 31.19 -23.81 -15.45
N PHE B 34 29.99 -23.37 -15.08
CA PHE B 34 29.82 -22.18 -14.26
C PHE B 34 30.13 -22.42 -12.78
N ASP B 35 30.04 -23.66 -12.31
CA ASP B 35 30.48 -23.97 -10.94
C ASP B 35 32.00 -23.98 -10.81
N CYS B 36 32.68 -23.96 -11.96
CA CYS B 36 34.12 -23.75 -11.97
C CYS B 36 34.45 -22.31 -11.68
N LEU B 37 33.42 -21.45 -11.70
CA LEU B 37 33.61 -20.05 -11.40
C LEU B 37 33.61 -19.76 -9.89
N GLY B 38 33.11 -20.72 -9.10
CA GLY B 38 33.16 -20.66 -7.64
C GLY B 38 32.38 -19.54 -6.95
N SER B 39 31.24 -19.16 -7.49
CA SER B 39 30.46 -18.11 -6.89
C SER B 39 28.97 -18.30 -7.10
N PRO B 40 28.16 -18.04 -6.05
CA PRO B 40 26.69 -18.05 -6.18
C PRO B 40 26.15 -17.12 -7.27
N VAL B 41 26.85 -16.03 -7.58
CA VAL B 41 26.39 -15.09 -8.61
C VAL B 41 26.20 -15.73 -9.99
N PHE B 42 26.83 -16.90 -10.20
CA PHE B 42 26.77 -17.56 -11.49
C PHE B 42 25.66 -18.62 -11.59
N THR B 43 25.04 -18.89 -10.45
CA THR B 43 23.94 -19.84 -10.34
C THR B 43 22.76 -19.54 -11.28
N PRO B 44 22.32 -18.25 -11.39
CA PRO B 44 21.23 -17.89 -12.35
C PRO B 44 21.62 -18.04 -13.83
N ILE B 45 22.90 -17.93 -14.14
CA ILE B 45 23.37 -18.15 -15.51
C ILE B 45 23.25 -19.64 -15.85
N LYS B 46 23.84 -20.46 -14.98
CA LYS B 46 23.76 -21.89 -15.10
C LYS B 46 22.30 -22.35 -15.25
N ALA B 47 21.42 -21.78 -14.44
CA ALA B 47 19.99 -22.11 -14.48
C ALA B 47 19.32 -21.76 -15.81
N ASP B 48 19.70 -20.63 -16.42
CA ASP B 48 19.18 -20.24 -17.74
C ASP B 48 19.59 -21.23 -18.84
N ILE B 49 20.89 -21.55 -18.90
CA ILE B 49 21.40 -22.49 -19.90
C ILE B 49 20.72 -23.85 -19.77
N SER B 50 20.70 -24.40 -18.54
CA SER B 50 19.97 -25.63 -18.24
C SER B 50 18.51 -25.56 -18.70
N GLY B 51 17.87 -24.41 -18.53
CA GLY B 51 16.47 -24.20 -18.96
C GLY B 51 16.25 -24.34 -20.47
N ASN B 52 17.22 -23.86 -21.25
CA ASN B 52 17.25 -24.00 -22.71
C ASN B 52 17.36 -25.46 -23.11
N ILE B 53 18.29 -26.14 -22.44
CA ILE B 53 18.59 -27.55 -22.69
C ILE B 53 17.35 -28.38 -22.46
N THR B 54 16.67 -28.12 -21.33
CA THR B 54 15.45 -28.83 -20.91
C THR B 54 14.27 -28.64 -21.87
N LYS B 55 14.02 -27.39 -22.28
CA LYS B 55 12.92 -27.06 -23.22
C LYS B 55 13.11 -27.82 -24.53
N ILE B 56 14.36 -27.88 -24.99
CA ILE B 56 14.71 -28.65 -26.20
C ILE B 56 14.57 -30.16 -25.97
N LYS B 57 15.20 -30.66 -24.90
CA LYS B 57 15.00 -32.03 -24.48
C LYS B 57 13.51 -32.40 -24.53
N ALA B 58 12.64 -31.55 -23.99
CA ALA B 58 11.20 -31.83 -23.90
C ALA B 58 10.49 -31.90 -25.24
N VAL B 59 10.68 -30.88 -26.08
CA VAL B 59 10.08 -30.88 -27.41
C VAL B 59 10.51 -32.14 -28.16
N TYR B 60 11.82 -32.38 -28.15
CA TYR B 60 12.38 -33.59 -28.74
C TYR B 60 11.62 -34.85 -28.29
N ASP B 61 11.35 -34.96 -26.99
CA ASP B 61 10.73 -36.15 -26.40
C ASP B 61 9.27 -36.46 -26.83
N THR B 62 8.50 -35.44 -27.15
CA THR B 62 7.16 -35.63 -27.72
C THR B 62 7.19 -36.44 -29.03
N ASN B 63 8.33 -36.40 -29.73
CA ASN B 63 8.49 -37.00 -31.05
C ASN B 63 9.96 -36.97 -31.48
N PRO B 64 10.78 -37.93 -31.00
CA PRO B 64 12.18 -38.05 -31.43
C PRO B 64 12.43 -38.06 -32.96
N ALA B 65 11.57 -38.74 -33.70
CA ALA B 65 11.73 -38.94 -35.14
C ALA B 65 11.39 -37.70 -35.97
N LYS B 66 10.35 -36.97 -35.55
CA LYS B 66 9.99 -35.70 -36.19
C LYS B 66 11.09 -34.64 -35.98
N PHE B 67 11.79 -34.71 -34.85
CA PHE B 67 12.92 -33.82 -34.54
C PHE B 67 14.22 -34.62 -34.41
N ARG B 68 14.56 -35.44 -35.41
CA ARG B 68 15.84 -36.16 -35.41
C ARG B 68 17.01 -35.17 -35.42
N THR B 69 16.85 -34.11 -36.20
CA THR B 69 17.88 -33.08 -36.35
C THR B 69 17.39 -31.75 -35.78
N LEU B 70 18.33 -30.85 -35.50
CA LEU B 70 18.01 -29.50 -35.02
C LEU B 70 17.30 -28.69 -36.11
N GLN B 71 17.69 -28.95 -37.37
CA GLN B 71 17.10 -28.32 -38.54
C GLN B 71 15.64 -28.74 -38.64
N ASN B 72 15.36 -30.00 -38.29
CA ASN B 72 14.01 -30.55 -38.27
C ASN B 72 13.14 -29.75 -37.34
N ILE B 73 13.64 -29.54 -36.12
CA ILE B 73 13.01 -28.70 -35.09
C ILE B 73 12.54 -27.35 -35.64
N LEU B 74 13.46 -26.61 -36.27
CA LEU B 74 13.16 -25.32 -36.87
C LEU B 74 12.16 -25.38 -38.05
N GLU B 75 12.22 -26.44 -38.85
CA GLU B 75 11.28 -26.70 -39.96
C GLU B 75 9.83 -26.90 -39.49
N VAL B 76 9.65 -27.88 -38.59
CA VAL B 76 8.38 -28.18 -37.93
C VAL B 76 7.74 -26.96 -37.25
N GLU B 77 8.46 -26.34 -36.31
CA GLU B 77 7.93 -25.24 -35.50
C GLU B 77 7.55 -24.01 -36.32
N LYS B 78 8.22 -23.79 -37.45
CA LYS B 78 7.79 -22.73 -38.37
C LYS B 78 6.35 -23.00 -38.87
N GLU B 79 6.12 -24.17 -39.48
CA GLU B 79 4.78 -24.64 -39.89
C GLU B 79 3.75 -24.54 -38.77
N MET B 80 4.17 -24.87 -37.54
CA MET B 80 3.28 -24.98 -36.38
C MET B 80 2.76 -23.66 -35.78
N TYR B 81 3.51 -22.56 -35.91
CA TYR B 81 3.20 -21.30 -35.18
C TYR B 81 3.15 -19.99 -35.97
N GLY B 82 3.71 -19.97 -37.18
CA GLY B 82 3.69 -18.78 -38.06
C GLY B 82 4.00 -17.43 -37.43
N ALA B 83 2.99 -16.81 -36.82
CA ALA B 83 3.10 -15.48 -36.22
C ALA B 83 4.10 -15.41 -35.06
N GLU B 84 4.08 -16.43 -34.21
CA GLU B 84 4.88 -16.43 -33.00
C GLU B 84 6.34 -16.82 -33.27
N TRP B 85 6.53 -17.77 -34.18
CA TRP B 85 7.85 -18.24 -34.59
C TRP B 85 8.67 -17.09 -35.21
N PRO B 86 10.00 -17.02 -34.95
CA PRO B 86 10.87 -17.91 -34.15
C PRO B 86 10.91 -17.65 -32.62
N LYS B 87 10.18 -16.65 -32.13
CA LYS B 87 10.11 -16.39 -30.69
C LYS B 87 9.18 -17.39 -29.98
N VAL B 88 9.48 -18.67 -30.16
CA VAL B 88 8.65 -19.75 -29.62
C VAL B 88 9.46 -21.04 -29.42
N GLY B 89 8.97 -21.90 -28.52
CA GLY B 89 9.45 -23.28 -28.39
C GLY B 89 10.95 -23.49 -28.31
N ALA B 90 11.40 -24.63 -28.85
CA ALA B 90 12.82 -25.02 -28.88
C ALA B 90 13.69 -24.15 -29.78
N THR B 91 13.09 -23.50 -30.76
CA THR B 91 13.80 -22.56 -31.61
C THR B 91 14.28 -21.37 -30.79
N LEU B 92 13.47 -20.94 -29.83
CA LEU B 92 13.85 -19.81 -29.00
C LEU B 92 14.89 -20.29 -27.98
N ALA B 93 14.67 -21.50 -27.46
CA ALA B 93 15.56 -22.16 -26.51
C ALA B 93 16.98 -22.35 -27.05
N LEU B 94 17.07 -22.98 -28.23
CA LEU B 94 18.33 -23.11 -28.95
C LEU B 94 18.91 -21.78 -29.44
N MET B 95 18.07 -20.80 -29.76
CA MET B 95 18.53 -19.48 -30.20
C MET B 95 19.39 -18.85 -29.14
N TRP B 96 19.00 -19.07 -27.90
CA TRP B 96 19.69 -18.58 -26.72
C TRP B 96 20.76 -19.56 -26.23
N LEU B 97 20.48 -20.86 -26.28
CA LEU B 97 21.49 -21.86 -25.91
C LEU B 97 22.76 -21.59 -26.71
N LYS B 98 22.63 -21.47 -28.02
CA LYS B 98 23.79 -21.29 -28.90
C LYS B 98 24.71 -20.13 -28.46
N ARG B 99 24.13 -19.06 -27.94
CA ARG B 99 24.87 -17.86 -27.49
C ARG B 99 25.64 -18.12 -26.21
N GLY B 100 25.05 -18.84 -25.27
CA GLY B 100 25.75 -19.34 -24.09
C GLY B 100 26.86 -20.32 -24.43
N LEU B 101 26.55 -21.29 -25.30
CA LEU B 101 27.56 -22.14 -25.93
C LEU B 101 28.70 -21.37 -26.57
N ARG B 102 28.39 -20.33 -27.38
CA ARG B 102 29.43 -19.45 -27.91
C ARG B 102 30.17 -18.69 -26.80
N PHE B 103 29.47 -18.36 -25.71
CA PHE B 103 30.16 -17.67 -24.63
C PHE B 103 31.27 -18.56 -24.08
N ILE B 104 30.92 -19.82 -23.79
CA ILE B 104 31.87 -20.80 -23.25
C ILE B 104 32.99 -21.04 -24.26
N GLN B 105 32.65 -21.19 -25.53
CA GLN B 105 33.63 -21.41 -26.59
C GLN B 105 34.68 -20.30 -26.67
N VAL B 106 34.18 -19.08 -26.82
CA VAL B 106 35.05 -17.94 -27.02
C VAL B 106 35.97 -17.72 -25.80
N PHE B 107 35.44 -17.95 -24.60
CA PHE B 107 36.10 -17.71 -23.35
C PHE B 107 37.30 -18.65 -23.12
N LEU B 108 37.05 -19.95 -23.34
CA LEU B 108 38.05 -20.99 -23.26
C LEU B 108 39.10 -20.87 -24.36
N GLN B 109 38.68 -20.49 -25.57
CA GLN B 109 39.63 -20.23 -26.67
C GLN B 109 40.58 -19.11 -26.31
N SER B 110 40.03 -18.06 -25.74
CA SER B 110 40.80 -16.91 -25.28
C SER B 110 41.90 -17.33 -24.28
N ILE B 111 41.57 -18.18 -23.30
CA ILE B 111 42.54 -18.61 -22.28
C ILE B 111 43.61 -19.52 -22.89
N CYS B 112 43.16 -20.42 -23.77
CA CYS B 112 44.04 -21.32 -24.51
C CYS B 112 45.03 -20.58 -25.41
N ASP B 113 44.59 -19.49 -26.06
CA ASP B 113 45.44 -18.65 -26.90
C ASP B 113 46.44 -17.83 -26.10
N GLY B 114 46.36 -17.91 -24.76
CA GLY B 114 47.26 -17.13 -23.90
C GLY B 114 46.82 -15.69 -23.63
N GLU B 115 45.68 -15.29 -24.16
CA GLU B 115 45.12 -13.95 -23.92
C GLU B 115 44.96 -13.63 -22.42
N ARG B 116 45.47 -12.45 -22.06
CA ARG B 116 45.58 -12.01 -20.67
C ARG B 116 45.86 -10.51 -20.69
N ASP B 117 45.53 -9.85 -19.58
CA ASP B 117 45.98 -8.51 -19.25
C ASP B 117 47.32 -8.66 -18.54
N GLU B 118 48.40 -8.12 -19.08
CA GLU B 118 49.75 -8.29 -18.49
C GLU B 118 49.92 -7.68 -17.11
N ASN B 119 49.04 -6.72 -16.76
CA ASN B 119 49.05 -6.08 -15.44
C ASN B 119 48.28 -6.90 -14.40
N HIS B 120 47.37 -7.73 -14.90
CA HIS B 120 46.60 -8.62 -14.07
C HIS B 120 46.53 -10.00 -14.71
N PRO B 121 47.72 -10.67 -14.87
CA PRO B 121 47.82 -11.93 -15.63
C PRO B 121 47.10 -13.15 -15.02
N ASN B 122 46.89 -13.13 -13.70
CA ASN B 122 46.13 -14.18 -12.97
C ASN B 122 44.64 -13.82 -12.81
N LEU B 123 44.17 -12.82 -13.54
CA LEU B 123 42.72 -12.57 -13.63
C LEU B 123 42.21 -13.18 -14.93
N ILE B 124 40.91 -13.45 -14.99
CA ILE B 124 40.26 -13.84 -16.26
C ILE B 124 39.23 -12.84 -16.77
N ARG B 125 39.30 -11.60 -16.29
CA ARG B 125 38.35 -10.56 -16.69
C ARG B 125 38.36 -10.21 -18.18
N VAL B 126 39.54 -10.09 -18.81
CA VAL B 126 39.60 -9.80 -20.27
C VAL B 126 38.98 -10.91 -21.12
N ASN B 127 39.21 -12.14 -20.69
CA ASN B 127 38.74 -13.34 -21.37
C ASN B 127 37.23 -13.42 -21.38
N ALA B 128 36.63 -13.17 -20.21
CA ALA B 128 35.19 -13.17 -20.01
C ALA B 128 34.49 -12.01 -20.76
N THR B 129 35.06 -10.82 -20.67
CA THR B 129 34.61 -9.68 -21.46
C THR B 129 34.56 -9.94 -22.96
N LYS B 130 35.63 -10.49 -23.51
CA LYS B 130 35.68 -10.79 -24.94
C LYS B 130 34.55 -11.75 -25.35
N ALA B 131 34.41 -12.82 -24.57
CA ALA B 131 33.36 -13.81 -24.73
C ALA B 131 32.00 -13.15 -24.63
N TYR B 132 31.79 -12.34 -23.56
CA TYR B 132 30.53 -11.60 -23.40
C TYR B 132 30.20 -10.66 -24.56
N GLU B 133 31.17 -9.82 -24.94
CA GLU B 133 31.08 -8.97 -26.12
C GLU B 133 30.77 -9.72 -27.41
N MET B 134 31.36 -10.88 -27.61
CA MET B 134 31.16 -11.45 -28.94
C MET B 134 30.06 -12.54 -29.05
N ALA B 135 29.37 -12.81 -27.94
CA ALA B 135 28.29 -13.78 -27.88
C ALA B 135 26.94 -13.23 -27.36
N LEU B 136 27.00 -12.33 -26.36
CA LEU B 136 25.83 -11.97 -25.56
C LEU B 136 25.45 -10.51 -25.46
N LYS B 137 26.45 -9.64 -25.46
CA LYS B 137 26.28 -8.23 -25.08
C LYS B 137 25.23 -7.49 -25.91
N LYS B 138 25.11 -7.88 -27.17
CA LYS B 138 24.33 -7.19 -28.18
C LYS B 138 22.85 -7.58 -28.02
N TYR B 139 22.58 -8.52 -27.11
CA TYR B 139 21.24 -9.01 -26.77
C TYR B 139 20.83 -8.64 -25.35
N HIS B 140 21.63 -7.79 -24.73
CA HIS B 140 21.33 -7.23 -23.44
C HIS B 140 21.19 -5.72 -23.53
N GLY B 141 20.14 -5.16 -22.93
CA GLY B 141 20.06 -3.72 -22.68
C GLY B 141 21.05 -3.26 -21.60
N TRP B 142 21.19 -1.95 -21.42
CA TRP B 142 22.23 -1.41 -20.54
C TRP B 142 22.07 -1.88 -19.08
N ILE B 143 20.85 -2.14 -18.62
CA ILE B 143 20.62 -2.61 -17.25
C ILE B 143 21.34 -3.98 -17.03
N VAL B 144 21.02 -4.95 -17.90
CA VAL B 144 21.64 -6.27 -17.89
C VAL B 144 23.16 -6.25 -18.08
N GLN B 145 23.64 -5.33 -18.92
CA GLN B 145 25.06 -5.14 -19.17
C GLN B 145 25.78 -4.61 -17.95
N LYS B 146 25.11 -3.69 -17.25
CA LYS B 146 25.60 -3.19 -15.96
C LYS B 146 25.67 -4.32 -14.92
N ILE B 147 24.71 -5.25 -14.98
CA ILE B 147 24.67 -6.43 -14.14
C ILE B 147 25.84 -7.41 -14.44
N PHE B 148 26.13 -7.66 -15.73
CA PHE B 148 27.35 -8.36 -16.14
C PHE B 148 28.62 -7.69 -15.61
N GLN B 149 28.76 -6.37 -15.76
CA GLN B 149 30.01 -5.76 -15.29
C GLN B 149 30.27 -5.81 -13.78
N ALA B 150 29.18 -5.85 -13.00
CA ALA B 150 29.25 -6.12 -11.56
C ALA B 150 29.63 -7.56 -11.24
N ALA B 151 28.99 -8.52 -11.91
CA ALA B 151 29.20 -9.95 -11.69
C ALA B 151 30.62 -10.39 -12.03
N LEU B 152 31.19 -9.74 -13.05
CA LEU B 152 32.53 -10.01 -13.51
C LEU B 152 33.56 -9.93 -12.38
N TYR B 153 33.28 -9.14 -11.35
CA TYR B 153 34.14 -9.10 -10.17
C TYR B 153 34.09 -10.37 -9.31
N ALA B 154 33.13 -11.27 -9.58
CA ALA B 154 33.04 -12.57 -8.91
C ALA B 154 33.77 -13.69 -9.63
N ALA B 155 34.32 -13.37 -10.82
CA ALA B 155 35.16 -14.31 -11.58
C ALA B 155 36.34 -14.77 -10.72
N PRO B 156 36.68 -16.07 -10.78
CA PRO B 156 37.77 -16.54 -9.96
C PRO B 156 39.13 -16.18 -10.61
N TYR B 157 40.21 -16.50 -9.92
CA TYR B 157 41.51 -16.29 -10.50
C TYR B 157 41.73 -17.37 -11.57
N LYS B 158 42.51 -17.04 -12.58
CA LYS B 158 42.94 -17.98 -13.62
C LYS B 158 43.45 -19.31 -13.03
N SER B 159 44.39 -19.28 -12.07
CA SER B 159 44.99 -20.52 -11.52
C SER B 159 43.92 -21.41 -10.89
N ASP B 160 43.12 -20.80 -10.02
CA ASP B 160 41.98 -21.48 -9.41
C ASP B 160 40.97 -21.97 -10.42
N PHE B 161 40.76 -21.21 -11.48
CA PHE B 161 39.73 -21.56 -12.47
C PHE B 161 40.17 -22.79 -13.24
N LEU B 162 41.44 -22.81 -13.67
CA LEU B 162 42.02 -23.98 -14.31
C LEU B 162 42.11 -25.21 -13.40
N LYS B 163 42.36 -25.01 -12.11
CA LYS B 163 42.36 -26.10 -11.12
C LYS B 163 40.97 -26.75 -10.99
N ALA B 164 39.93 -25.93 -11.00
CA ALA B 164 38.53 -26.41 -10.93
C ALA B 164 38.12 -27.21 -12.17
N LEU B 165 38.56 -26.74 -13.34
CA LEU B 165 38.41 -27.44 -14.61
C LEU B 165 39.06 -28.81 -14.54
N SER B 166 40.19 -28.90 -13.83
CA SER B 166 40.95 -30.15 -13.76
C SER B 166 40.37 -31.10 -12.72
N LYS B 167 40.19 -30.60 -11.50
CA LYS B 167 39.63 -31.39 -10.42
C LYS B 167 40.39 -32.72 -10.27
N GLY B 168 39.72 -33.81 -10.61
CA GLY B 168 40.20 -35.14 -10.25
C GLY B 168 41.60 -35.46 -10.79
N GLN B 169 41.88 -34.95 -11.99
CA GLN B 169 43.18 -35.16 -12.64
C GLN B 169 44.35 -34.66 -11.79
N ASN B 170 45.51 -35.25 -12.06
CA ASN B 170 46.78 -34.60 -11.72
C ASN B 170 47.38 -34.26 -13.05
N VAL B 171 47.08 -33.05 -13.46
CA VAL B 171 47.41 -32.54 -14.78
C VAL B 171 47.98 -31.14 -14.53
N THR B 172 48.92 -30.71 -15.37
CA THR B 172 49.41 -29.34 -15.22
C THR B 172 48.38 -28.33 -15.74
N GLU B 173 48.60 -27.05 -15.45
CA GLU B 173 47.81 -25.98 -16.05
C GLU B 173 47.80 -26.16 -17.57
N GLU B 174 48.95 -26.57 -18.10
CA GLU B 174 49.16 -26.60 -19.54
C GLU B 174 48.51 -27.83 -20.17
N GLU B 175 48.70 -28.99 -19.53
CA GLU B 175 48.05 -30.22 -19.97
C GLU B 175 46.53 -30.07 -19.95
N CYS B 176 46.01 -29.37 -18.96
CA CYS B 176 44.58 -29.03 -18.91
C CYS B 176 44.18 -28.28 -20.18
N LEU B 177 44.91 -27.22 -20.49
CA LEU B 177 44.68 -26.41 -21.68
C LEU B 177 44.75 -27.23 -22.96
N GLU B 178 45.76 -28.10 -23.03
CA GLU B 178 45.92 -29.04 -24.13
C GLU B 178 44.63 -29.83 -24.34
N LYS B 179 44.03 -30.33 -23.27
CA LYS B 179 42.78 -31.08 -23.34
C LYS B 179 41.57 -30.25 -23.83
N ILE B 180 41.45 -29.03 -23.31
CA ILE B 180 40.45 -28.04 -23.72
C ILE B 180 40.49 -27.67 -25.22
N ARG B 181 41.70 -27.50 -25.77
CA ARG B 181 41.91 -27.26 -27.19
C ARG B 181 41.27 -28.35 -28.06
N LEU B 182 41.48 -29.59 -27.65
CA LEU B 182 40.91 -30.74 -28.32
C LEU B 182 39.38 -30.72 -28.30
N PHE B 183 38.81 -30.42 -27.13
CA PHE B 183 37.37 -30.21 -27.01
C PHE B 183 36.84 -29.05 -27.88
N LEU B 184 37.55 -27.94 -27.95
CA LEU B 184 37.11 -26.77 -28.72
C LEU B 184 36.93 -26.98 -30.22
N VAL B 185 37.63 -27.98 -30.78
CA VAL B 185 37.64 -28.26 -32.23
C VAL B 185 36.25 -28.64 -32.76
N ASN B 186 35.72 -29.76 -32.29
CA ASN B 186 34.37 -30.18 -32.64
C ASN B 186 33.28 -29.25 -32.09
N TYR B 187 33.62 -28.61 -30.96
CA TYR B 187 32.72 -27.70 -30.27
C TYR B 187 32.45 -26.41 -31.07
N THR B 188 33.51 -25.66 -31.36
CA THR B 188 33.41 -24.49 -32.22
C THR B 188 32.65 -24.76 -33.52
N ALA B 189 33.03 -25.83 -34.22
CA ALA B 189 32.41 -26.19 -35.52
C ALA B 189 30.89 -26.45 -35.50
N THR B 190 30.40 -27.15 -34.48
CA THR B 190 28.99 -27.42 -34.28
C THR B 190 28.23 -26.11 -34.04
N ILE B 191 28.78 -25.27 -33.16
CA ILE B 191 28.21 -23.95 -32.89
C ILE B 191 28.14 -23.08 -34.15
N ASP B 192 29.24 -23.02 -34.90
CA ASP B 192 29.32 -22.34 -36.20
C ASP B 192 28.14 -22.73 -37.09
N VAL B 193 27.90 -24.04 -37.20
CA VAL B 193 26.83 -24.63 -38.01
C VAL B 193 25.44 -24.27 -37.51
N ILE B 194 25.24 -24.31 -36.20
CA ILE B 194 24.00 -23.83 -35.59
C ILE B 194 23.70 -22.35 -35.90
N TYR B 195 24.69 -21.47 -35.77
CA TYR B 195 24.53 -20.06 -36.14
C TYR B 195 24.10 -19.90 -37.60
N GLU B 196 24.86 -20.50 -38.51
CA GLU B 196 24.54 -20.58 -39.94
C GLU B 196 23.11 -21.11 -40.22
N MET B 197 22.67 -22.18 -39.56
CA MET B 197 21.29 -22.65 -39.75
C MET B 197 20.23 -21.59 -39.41
N TYR B 198 20.47 -20.83 -38.31
CA TYR B 198 19.62 -19.73 -37.86
C TYR B 198 19.60 -18.55 -38.83
N THR B 199 20.69 -18.34 -39.56
CA THR B 199 20.73 -17.31 -40.60
C THR B 199 19.98 -17.74 -41.87
N GLN B 200 20.25 -18.96 -42.36
CA GLN B 200 19.56 -19.51 -43.53
C GLN B 200 18.05 -19.70 -43.34
N MET B 201 17.64 -19.92 -42.09
CA MET B 201 16.23 -20.16 -41.75
C MET B 201 15.45 -18.92 -41.35
N ASN B 202 16.08 -17.75 -41.46
CA ASN B 202 15.55 -16.53 -40.86
C ASN B 202 15.05 -16.78 -39.45
N ALA B 203 15.77 -17.62 -38.69
CA ALA B 203 15.31 -18.07 -37.37
C ALA B 203 15.93 -17.24 -36.22
N GLU B 204 16.67 -16.19 -36.57
CA GLU B 204 17.38 -15.39 -35.59
C GLU B 204 16.66 -14.09 -35.21
N LEU B 205 16.62 -13.81 -33.91
CA LEU B 205 16.07 -12.56 -33.39
C LEU B 205 17.12 -11.73 -32.66
N ASN B 206 16.99 -10.42 -32.75
CA ASN B 206 17.97 -9.48 -32.23
C ASN B 206 17.44 -8.65 -31.07
N TYR B 207 16.34 -9.10 -30.46
CA TYR B 207 15.76 -8.34 -29.35
C TYR B 207 16.67 -8.34 -28.12
N LYS B 208 16.64 -7.23 -27.38
CA LYS B 208 17.47 -7.08 -26.20
C LYS B 208 16.67 -7.39 -24.97
N VAL B 209 17.33 -8.01 -24.00
CA VAL B 209 16.72 -8.24 -22.70
C VAL B 209 17.17 -7.14 -21.74
N LEU C 4 -22.78 3.53 30.15
CA LEU C 4 -23.95 2.88 29.48
C LEU C 4 -24.91 2.33 30.54
N ALA C 5 -24.42 1.44 31.41
CA ALA C 5 -25.22 0.91 32.54
C ALA C 5 -25.32 1.90 33.74
N GLU C 6 -24.51 2.95 33.67
CA GLU C 6 -24.60 4.05 34.64
C GLU C 6 -25.92 4.81 34.45
N HIS C 7 -26.44 4.80 33.22
CA HIS C 7 -27.71 5.43 32.90
C HIS C 7 -28.59 4.55 32.00
N LEU C 8 -29.37 3.67 32.63
CA LEU C 8 -30.27 2.77 31.92
C LEU C 8 -31.50 3.48 31.39
N LEU C 9 -32.12 2.92 30.35
CA LEU C 9 -33.39 3.46 29.82
C LEU C 9 -34.58 2.93 30.64
N LYS C 10 -35.63 3.72 30.74
CA LYS C 10 -36.85 3.34 31.42
C LYS C 10 -37.51 2.19 30.68
N PRO C 11 -38.24 1.31 31.40
CA PRO C 11 -38.90 0.24 30.69
C PRO C 11 -40.12 0.75 29.94
N LEU C 12 -40.41 0.14 28.80
CA LEU C 12 -41.63 0.46 28.08
C LEU C 12 -42.88 0.21 28.92
N PRO C 13 -43.75 1.24 29.05
CA PRO C 13 -45.02 1.00 29.70
C PRO C 13 -45.98 0.31 28.72
N ALA C 14 -47.14 -0.10 29.23
CA ALA C 14 -48.07 -0.92 28.51
C ALA C 14 -48.61 -0.21 27.27
N ASP C 15 -48.83 1.11 27.39
CA ASP C 15 -49.35 1.93 26.27
C ASP C 15 -48.29 2.13 25.18
N LYS C 16 -47.06 1.74 25.54
CA LYS C 16 -45.87 1.76 24.67
C LYS C 16 -45.44 3.18 24.32
N GLN C 17 -45.82 4.13 25.18
CA GLN C 17 -45.53 5.55 24.98
C GLN C 17 -44.21 5.95 25.62
N ILE C 18 -43.43 6.73 24.88
CA ILE C 18 -42.14 7.12 25.37
C ILE C 18 -42.15 8.58 25.82
N GLU C 19 -42.10 8.77 27.14
CA GLU C 19 -41.87 10.06 27.74
C GLU C 19 -40.62 10.67 27.16
N THR C 20 -40.80 11.86 26.57
CA THR C 20 -39.75 12.59 25.85
C THR C 20 -38.64 13.01 26.81
N GLY C 21 -39.03 13.58 27.94
CA GLY C 21 -38.09 14.11 28.93
C GLY C 21 -37.05 13.10 29.40
N PRO C 22 -37.50 12.02 30.08
CA PRO C 22 -36.60 10.91 30.50
C PRO C 22 -35.81 10.23 29.36
N PHE C 23 -36.43 10.08 28.18
CA PHE C 23 -35.78 9.53 26.99
C PHE C 23 -34.55 10.35 26.64
N LEU C 24 -34.69 11.67 26.68
CA LEU C 24 -33.58 12.57 26.29
C LEU C 24 -32.45 12.62 27.33
N GLU C 25 -32.80 12.65 28.61
CA GLU C 25 -31.80 12.55 29.70
C GLU C 25 -30.89 11.36 29.45
N ALA C 26 -31.52 10.20 29.20
CA ALA C 26 -30.83 8.93 29.00
C ALA C 26 -29.92 8.90 27.75
N VAL C 27 -30.45 9.25 26.58
CA VAL C 27 -29.64 9.20 25.35
C VAL C 27 -28.63 10.34 25.24
N SER C 28 -28.72 11.34 26.13
CA SER C 28 -27.69 12.37 26.17
C SER C 28 -26.32 11.84 26.67
N HIS C 29 -26.33 10.70 27.38
CA HIS C 29 -25.09 10.05 27.87
C HIS C 29 -24.45 9.13 26.85
N LEU C 30 -25.09 8.98 25.69
CA LEU C 30 -24.60 8.10 24.63
C LEU C 30 -23.44 8.66 23.78
N PRO C 31 -23.51 9.94 23.33
CA PRO C 31 -22.35 10.48 22.58
C PRO C 31 -20.93 10.33 23.20
N PRO C 32 -20.76 10.53 24.53
CA PRO C 32 -19.44 10.23 25.12
C PRO C 32 -18.87 8.85 24.75
N PHE C 33 -19.75 7.89 24.49
CA PHE C 33 -19.46 6.59 23.85
C PHE C 33 -18.50 6.69 22.66
N PHE C 34 -18.70 7.71 21.83
CA PHE C 34 -17.89 7.91 20.62
C PHE C 34 -16.44 8.25 20.92
N ASP C 35 -16.18 8.81 22.10
CA ASP C 35 -14.80 9.04 22.57
C ASP C 35 -14.03 7.74 22.89
N CYS C 36 -14.75 6.66 23.21
CA CYS C 36 -14.13 5.36 23.49
C CYS C 36 -13.56 4.72 22.22
N LEU C 37 -13.98 5.23 21.07
CA LEU C 37 -13.42 4.81 19.79
C LEU C 37 -12.05 5.47 19.59
N GLY C 38 -11.69 6.37 20.51
CA GLY C 38 -10.38 7.00 20.57
C GLY C 38 -9.74 7.49 19.29
N SER C 39 -10.50 8.25 18.50
CA SER C 39 -9.99 8.88 17.27
C SER C 39 -10.86 10.08 16.87
N PRO C 40 -10.24 11.18 16.39
CA PRO C 40 -11.00 12.37 15.99
C PRO C 40 -11.86 12.20 14.74
N VAL C 41 -11.73 11.06 14.04
CA VAL C 41 -12.59 10.81 12.89
C VAL C 41 -14.05 10.47 13.27
N PHE C 42 -14.31 10.23 14.55
CA PHE C 42 -15.67 10.00 15.07
C PHE C 42 -16.25 11.21 15.81
N THR C 43 -15.59 12.36 15.71
CA THR C 43 -16.12 13.60 16.30
C THR C 43 -17.30 14.17 15.50
N PRO C 44 -17.19 14.25 14.16
CA PRO C 44 -18.34 14.59 13.28
C PRO C 44 -19.54 13.66 13.41
N ILE C 45 -19.32 12.41 13.81
CA ILE C 45 -20.41 11.45 14.01
C ILE C 45 -21.11 11.71 15.34
N LYS C 46 -20.31 11.81 16.40
CA LYS C 46 -20.73 12.28 17.72
C LYS C 46 -21.57 13.57 17.63
N ALA C 47 -21.11 14.51 16.80
CA ALA C 47 -21.76 15.82 16.63
C ALA C 47 -23.13 15.76 15.92
N ASP C 48 -23.29 14.84 14.98
CA ASP C 48 -24.55 14.68 14.29
C ASP C 48 -25.67 14.12 15.18
N ILE C 49 -25.36 13.02 15.89
CA ILE C 49 -26.22 12.45 16.94
C ILE C 49 -26.53 13.44 18.07
N SER C 50 -25.52 14.10 18.62
CA SER C 50 -25.78 15.19 19.58
C SER C 50 -26.69 16.30 19.05
N GLY C 51 -26.43 16.74 17.82
CA GLY C 51 -27.30 17.68 17.14
C GLY C 51 -28.75 17.25 17.15
N ASN C 52 -29.03 15.99 16.76
CA ASN C 52 -30.41 15.44 16.85
C ASN C 52 -31.02 15.58 18.23
N ILE C 53 -30.27 15.20 19.27
CA ILE C 53 -30.74 15.27 20.64
C ILE C 53 -31.04 16.72 21.04
N THR C 54 -30.19 17.64 20.60
CA THR C 54 -30.31 19.06 20.95
C THR C 54 -31.54 19.73 20.29
N LYS C 55 -31.77 19.41 19.01
CA LYS C 55 -32.94 19.91 18.28
C LYS C 55 -34.26 19.41 18.90
N ILE C 56 -34.32 18.12 19.24
CA ILE C 56 -35.50 17.54 19.91
C ILE C 56 -35.75 18.11 21.32
N LYS C 57 -34.69 18.29 22.10
CA LYS C 57 -34.77 18.86 23.46
C LYS C 57 -35.26 20.31 23.44
N ALA C 58 -34.78 21.07 22.47
CA ALA C 58 -35.26 22.43 22.18
C ALA C 58 -36.80 22.45 22.06
N VAL C 59 -37.33 21.80 21.03
CA VAL C 59 -38.77 21.52 20.89
C VAL C 59 -39.47 21.11 22.22
N TYR C 60 -38.96 20.09 22.88
CA TYR C 60 -39.60 19.62 24.13
C TYR C 60 -39.62 20.74 25.18
N ASP C 61 -38.61 21.60 25.16
CA ASP C 61 -38.49 22.65 26.17
C ASP C 61 -39.37 23.88 25.92
N THR C 62 -39.75 24.12 24.64
CA THR C 62 -40.73 25.14 24.29
C THR C 62 -42.15 24.83 24.80
N ASN C 63 -42.27 23.73 25.55
CA ASN C 63 -43.56 23.19 25.97
C ASN C 63 -43.48 21.69 26.30
N PRO C 64 -43.00 21.37 27.49
CA PRO C 64 -42.97 19.98 27.97
C PRO C 64 -44.30 19.22 28.11
N ALA C 65 -45.43 19.93 28.19
CA ALA C 65 -46.75 19.27 28.33
C ALA C 65 -47.31 18.83 26.97
N LYS C 66 -47.30 19.75 26.02
CA LYS C 66 -47.66 19.48 24.64
C LYS C 66 -46.80 18.38 23.99
N PHE C 67 -45.54 18.26 24.42
CA PHE C 67 -44.56 17.34 23.83
C PHE C 67 -44.14 16.25 24.79
N ARG C 68 -45.04 15.88 25.68
CA ARG C 68 -44.75 14.96 26.78
C ARG C 68 -44.18 13.59 26.32
N THR C 69 -44.71 13.07 25.21
CA THR C 69 -44.21 11.84 24.60
C THR C 69 -43.73 12.05 23.17
N LEU C 70 -42.90 11.12 22.71
CA LEU C 70 -42.39 11.12 21.34
C LEU C 70 -43.51 11.06 20.33
N GLN C 71 -44.61 10.41 20.69
CA GLN C 71 -45.80 10.39 19.85
C GLN C 71 -46.39 11.81 19.66
N ASN C 72 -46.56 12.55 20.77
CA ASN C 72 -46.95 13.97 20.72
C ASN C 72 -46.08 14.80 19.78
N ILE C 73 -44.76 14.64 19.88
CA ILE C 73 -43.86 15.37 18.97
C ILE C 73 -44.34 15.22 17.53
N LEU C 74 -44.52 13.99 17.08
CA LEU C 74 -45.00 13.74 15.72
C LEU C 74 -46.42 14.30 15.43
N GLU C 75 -47.38 14.04 16.33
CA GLU C 75 -48.76 14.55 16.17
C GLU C 75 -48.82 16.07 16.06
N VAL C 76 -48.23 16.74 17.05
CA VAL C 76 -48.24 18.19 17.15
C VAL C 76 -47.49 18.86 16.00
N GLU C 77 -46.25 18.44 15.77
CA GLU C 77 -45.46 18.97 14.67
C GLU C 77 -46.09 18.76 13.28
N LYS C 78 -46.92 17.73 13.15
CA LYS C 78 -47.76 17.53 11.94
C LYS C 78 -48.77 18.67 11.74
N GLU C 79 -49.34 19.18 12.85
CA GLU C 79 -50.29 20.30 12.80
C GLU C 79 -49.58 21.66 12.67
N MET C 80 -48.38 21.77 13.24
CA MET C 80 -47.59 22.99 13.12
C MET C 80 -47.10 23.22 11.71
N TYR C 81 -46.68 22.15 11.05
CA TYR C 81 -45.98 22.30 9.78
C TYR C 81 -46.76 21.81 8.58
N GLY C 82 -47.73 20.94 8.82
CA GLY C 82 -48.64 20.49 7.77
C GLY C 82 -48.03 19.62 6.70
N ALA C 83 -47.64 20.23 5.59
CA ALA C 83 -47.28 19.51 4.35
C ALA C 83 -45.77 19.31 4.19
N GLU C 84 -44.99 20.15 4.87
CA GLU C 84 -43.53 20.03 4.91
C GLU C 84 -43.19 18.78 5.74
N TRP C 85 -44.03 18.51 6.75
CA TRP C 85 -43.96 17.30 7.57
C TRP C 85 -44.06 16.02 6.72
N PRO C 86 -43.35 14.92 7.12
CA PRO C 86 -42.46 14.78 8.31
C PRO C 86 -41.03 15.31 8.21
N LYS C 87 -40.69 16.02 7.14
CA LYS C 87 -39.29 16.43 6.93
C LYS C 87 -38.96 17.72 7.70
N VAL C 88 -39.28 17.76 8.98
CA VAL C 88 -39.15 19.00 9.72
C VAL C 88 -38.93 18.77 11.23
N GLY C 89 -38.39 19.78 11.89
CA GLY C 89 -38.32 19.85 13.35
C GLY C 89 -37.69 18.65 14.03
N ALA C 90 -38.25 18.31 15.20
CA ALA C 90 -37.82 17.17 15.99
C ALA C 90 -38.32 15.83 15.40
N THR C 91 -39.27 15.87 14.48
CA THR C 91 -39.72 14.66 13.80
C THR C 91 -38.61 14.12 12.92
N LEU C 92 -37.96 15.02 12.18
CA LEU C 92 -36.81 14.71 11.35
C LEU C 92 -35.57 14.35 12.20
N ALA C 93 -35.29 15.16 13.22
CA ALA C 93 -34.18 14.92 14.14
C ALA C 93 -34.28 13.53 14.80
N LEU C 94 -35.48 13.14 15.22
CA LEU C 94 -35.68 11.81 15.79
C LEU C 94 -35.67 10.69 14.74
N MET C 95 -36.05 11.03 13.50
CA MET C 95 -35.93 10.10 12.40
C MET C 95 -34.51 9.60 12.17
N TRP C 96 -33.53 10.48 12.35
CA TRP C 96 -32.12 10.16 12.14
C TRP C 96 -31.46 9.73 13.44
N LEU C 97 -31.97 10.23 14.57
CA LEU C 97 -31.49 9.83 15.89
C LEU C 97 -31.64 8.33 16.03
N LYS C 98 -32.88 7.86 15.83
CA LYS C 98 -33.27 6.45 15.97
C LYS C 98 -32.38 5.58 15.11
N ARG C 99 -31.94 6.13 13.98
CA ARG C 99 -31.03 5.41 13.06
C ARG C 99 -29.64 5.15 13.65
N GLY C 100 -29.09 6.15 14.33
CA GLY C 100 -27.80 6.04 15.02
C GLY C 100 -27.91 5.40 16.39
N LEU C 101 -29.13 5.39 16.92
CA LEU C 101 -29.48 4.58 18.08
C LEU C 101 -29.44 3.10 17.75
N ARG C 102 -30.11 2.73 16.67
CA ARG C 102 -30.06 1.35 16.17
C ARG C 102 -28.62 0.90 15.86
N PHE C 103 -27.81 1.80 15.29
CA PHE C 103 -26.40 1.49 14.99
C PHE C 103 -25.64 1.04 16.23
N ILE C 104 -25.67 1.85 17.28
CA ILE C 104 -25.03 1.56 18.57
C ILE C 104 -25.58 0.25 19.12
N GLN C 105 -26.89 0.08 19.06
CA GLN C 105 -27.56 -1.14 19.53
C GLN C 105 -27.11 -2.41 18.82
N VAL C 106 -26.97 -2.36 17.50
CA VAL C 106 -26.63 -3.55 16.67
C VAL C 106 -25.16 -3.90 16.81
N PHE C 107 -24.35 -2.89 17.04
CA PHE C 107 -22.92 -2.97 17.19
C PHE C 107 -22.55 -3.58 18.51
N LEU C 108 -23.20 -3.09 19.56
CA LEU C 108 -22.92 -3.46 20.93
C LEU C 108 -23.41 -4.86 21.21
N GLN C 109 -24.56 -5.19 20.63
CA GLN C 109 -25.20 -6.50 20.76
C GLN C 109 -24.34 -7.50 20.06
N SER C 110 -23.83 -7.11 18.89
CA SER C 110 -22.94 -7.94 18.07
C SER C 110 -21.65 -8.25 18.81
N ILE C 111 -21.12 -7.26 19.54
CA ILE C 111 -19.90 -7.49 20.31
C ILE C 111 -20.18 -8.41 21.48
N CYS C 112 -21.34 -8.21 22.11
CA CYS C 112 -21.77 -8.96 23.27
C CYS C 112 -22.03 -10.43 22.93
N ASP C 113 -22.50 -10.68 21.72
CA ASP C 113 -22.77 -12.03 21.26
C ASP C 113 -21.50 -12.73 20.75
N GLY C 114 -20.35 -12.09 20.96
CA GLY C 114 -19.05 -12.60 20.51
C GLY C 114 -18.90 -12.83 19.01
N GLU C 115 -19.66 -12.13 18.19
CA GLU C 115 -19.37 -12.07 16.75
C GLU C 115 -17.97 -11.45 16.56
N ARG C 116 -17.26 -11.96 15.56
CA ARG C 116 -15.93 -11.51 15.20
C ARG C 116 -15.49 -12.08 13.86
N ASP C 117 -14.53 -11.40 13.25
CA ASP C 117 -13.73 -11.96 12.16
C ASP C 117 -12.68 -12.90 12.80
N GLU C 118 -12.72 -14.18 12.40
CA GLU C 118 -11.85 -15.20 13.01
C GLU C 118 -10.38 -14.99 12.60
N ASN C 119 -10.17 -14.38 11.44
CA ASN C 119 -8.82 -14.07 10.99
C ASN C 119 -8.21 -12.86 11.68
N HIS C 120 -9.08 -11.95 12.16
CA HIS C 120 -8.70 -10.72 12.86
C HIS C 120 -9.56 -10.51 14.11
N PRO C 121 -9.41 -11.39 15.13
CA PRO C 121 -10.33 -11.42 16.31
C PRO C 121 -10.29 -10.21 17.26
N ASN C 122 -9.26 -9.36 17.17
CA ASN C 122 -9.15 -8.19 18.03
C ASN C 122 -9.52 -6.92 17.29
N LEU C 123 -10.20 -7.06 16.15
CA LEU C 123 -10.83 -5.92 15.49
C LEU C 123 -12.34 -5.94 15.73
N ILE C 124 -12.98 -4.80 15.45
CA ILE C 124 -14.42 -4.63 15.67
C ILE C 124 -15.17 -4.19 14.38
N ARG C 125 -14.53 -4.41 13.23
CA ARG C 125 -15.05 -3.93 11.93
C ARG C 125 -16.20 -4.77 11.38
N VAL C 126 -16.23 -6.05 11.75
CA VAL C 126 -17.35 -6.89 11.37
C VAL C 126 -18.60 -6.46 12.14
N ASN C 127 -18.41 -6.04 13.38
CA ASN C 127 -19.49 -5.51 14.24
C ASN C 127 -20.05 -4.16 13.79
N ALA C 128 -19.13 -3.24 13.53
CA ALA C 128 -19.39 -1.96 12.90
C ALA C 128 -20.09 -2.04 11.53
N THR C 129 -19.57 -2.89 10.64
CA THR C 129 -20.17 -3.09 9.32
C THR C 129 -21.60 -3.60 9.39
N LYS C 130 -21.83 -4.64 10.19
CA LYS C 130 -23.17 -5.19 10.38
C LYS C 130 -24.13 -4.11 10.93
N ALA C 131 -23.69 -3.39 11.97
CA ALA C 131 -24.41 -2.26 12.53
C ALA C 131 -24.72 -1.19 11.47
N TYR C 132 -23.70 -0.81 10.71
CA TYR C 132 -23.90 0.14 9.62
C TYR C 132 -24.89 -0.37 8.56
N GLU C 133 -24.75 -1.61 8.13
CA GLU C 133 -25.56 -2.15 7.03
C GLU C 133 -27.06 -2.10 7.34
N MET C 134 -27.39 -2.53 8.55
CA MET C 134 -28.78 -2.63 8.92
C MET C 134 -29.38 -1.37 9.57
N ALA C 135 -28.57 -0.37 9.92
CA ALA C 135 -29.09 0.90 10.47
C ALA C 135 -29.00 2.15 9.56
N LEU C 136 -27.92 2.28 8.78
CA LEU C 136 -27.65 3.52 8.02
C LEU C 136 -27.43 3.39 6.51
N LYS C 137 -26.69 2.38 6.09
CA LYS C 137 -26.27 2.25 4.69
C LYS C 137 -27.38 2.58 3.67
N LYS C 138 -28.60 2.15 3.97
CA LYS C 138 -29.78 2.29 3.11
C LYS C 138 -30.12 3.76 2.77
N TYR C 139 -29.63 4.67 3.62
CA TYR C 139 -29.93 6.12 3.61
C TYR C 139 -28.66 6.93 3.33
N HIS C 140 -27.64 6.24 2.84
CA HIS C 140 -26.42 6.87 2.38
C HIS C 140 -26.18 6.59 0.90
N GLY C 141 -25.93 7.66 0.14
CA GLY C 141 -25.50 7.56 -1.24
C GLY C 141 -24.11 6.96 -1.30
N TRP C 142 -23.62 6.70 -2.51
CA TRP C 142 -22.35 6.00 -2.66
C TRP C 142 -21.15 6.76 -2.04
N ILE C 143 -21.21 8.10 -2.02
CA ILE C 143 -20.12 8.90 -1.47
C ILE C 143 -20.01 8.78 0.05
N VAL C 144 -21.15 8.98 0.75
CA VAL C 144 -21.21 8.86 2.22
C VAL C 144 -20.82 7.47 2.73
N GLN C 145 -21.23 6.43 1.99
CA GLN C 145 -20.89 5.04 2.26
C GLN C 145 -19.38 4.78 2.16
N LYS C 146 -18.75 5.39 1.15
CA LYS C 146 -17.29 5.40 1.03
C LYS C 146 -16.58 6.03 2.21
N ILE C 147 -17.12 7.16 2.69
CA ILE C 147 -16.62 7.83 3.89
C ILE C 147 -16.68 6.94 5.14
N PHE C 148 -17.76 6.14 5.26
CA PHE C 148 -17.90 5.20 6.38
C PHE C 148 -16.83 4.12 6.42
N GLN C 149 -16.61 3.44 5.31
CA GLN C 149 -15.60 2.37 5.24
C GLN C 149 -14.22 2.88 5.57
N ALA C 150 -13.84 4.03 4.98
CA ALA C 150 -12.57 4.65 5.29
C ALA C 150 -12.49 5.00 6.78
N ALA C 151 -13.56 5.55 7.33
CA ALA C 151 -13.61 5.86 8.76
C ALA C 151 -13.68 4.61 9.64
N LEU C 152 -13.94 3.46 9.01
CA LEU C 152 -14.05 2.21 9.73
C LEU C 152 -12.66 1.62 10.00
N TYR C 153 -11.73 1.88 9.09
CA TYR C 153 -10.32 1.94 9.44
C TYR C 153 -10.03 3.08 10.40
N ALA C 154 -9.81 2.74 11.67
CA ALA C 154 -9.58 3.75 12.70
C ALA C 154 -10.59 3.62 13.84
N ALA C 155 -11.48 2.65 13.72
CA ALA C 155 -12.03 1.96 14.89
C ALA C 155 -10.94 1.21 15.65
N PRO C 156 -11.00 1.25 16.97
CA PRO C 156 -9.92 0.72 17.82
C PRO C 156 -9.80 -0.83 17.85
N TYR C 157 -8.82 -1.33 18.60
CA TYR C 157 -8.77 -2.76 18.91
C TYR C 157 -9.88 -3.08 19.88
N LYS C 158 -10.46 -4.26 19.75
CA LYS C 158 -11.56 -4.68 20.61
C LYS C 158 -11.08 -4.57 22.07
N SER C 159 -9.94 -5.20 22.35
CA SER C 159 -9.29 -5.09 23.66
C SER C 159 -9.27 -3.68 24.22
N ASP C 160 -8.94 -2.70 23.35
CA ASP C 160 -8.87 -1.28 23.76
C ASP C 160 -10.25 -0.65 23.99
N PHE C 161 -11.18 -0.92 23.07
CA PHE C 161 -12.55 -0.41 23.11
C PHE C 161 -13.29 -0.86 24.38
N LEU C 162 -13.23 -2.16 24.66
CA LEU C 162 -13.82 -2.72 25.86
C LEU C 162 -13.16 -2.17 27.14
N LYS C 163 -11.84 -1.98 27.12
CA LYS C 163 -11.14 -1.34 28.24
C LYS C 163 -11.68 0.06 28.55
N ALA C 164 -11.80 0.89 27.51
CA ALA C 164 -12.30 2.26 27.67
C ALA C 164 -13.74 2.25 28.14
N LEU C 165 -14.56 1.38 27.57
CA LEU C 165 -15.97 1.27 27.99
C LEU C 165 -16.10 0.92 29.47
N SER C 166 -15.32 -0.07 29.93
CA SER C 166 -15.20 -0.47 31.35
C SER C 166 -15.06 0.72 32.31
N LYS C 167 -14.33 1.74 31.88
CA LYS C 167 -14.18 2.98 32.64
C LYS C 167 -15.42 3.90 32.69
N GLY C 168 -16.54 3.43 32.14
CA GLY C 168 -17.84 3.64 32.75
C GLY C 168 -18.12 2.68 33.88
N GLN C 169 -17.83 3.13 35.10
CA GLN C 169 -16.88 2.46 35.97
C GLN C 169 -17.37 1.06 36.35
N ASN C 170 -16.93 0.05 35.60
CA ASN C 170 -17.01 -1.33 36.05
C ASN C 170 -15.66 -2.04 35.93
N VAL C 171 -15.65 -3.13 35.17
CA VAL C 171 -14.54 -4.09 35.21
C VAL C 171 -14.51 -4.96 33.97
N THR C 172 -13.31 -5.23 33.48
CA THR C 172 -13.00 -6.52 32.87
C THR C 172 -13.62 -6.65 31.49
N GLU C 173 -13.08 -7.57 30.69
CA GLU C 173 -13.61 -7.82 29.35
C GLU C 173 -15.06 -8.24 29.40
N GLU C 174 -15.37 -9.17 30.29
CA GLU C 174 -16.66 -9.87 30.27
C GLU C 174 -17.63 -9.27 31.30
N GLU C 175 -17.07 -8.76 32.39
CA GLU C 175 -17.85 -8.03 33.38
C GLU C 175 -18.38 -6.73 32.80
N CYS C 176 -17.64 -6.15 31.86
CA CYS C 176 -18.13 -5.02 31.09
C CYS C 176 -19.28 -5.43 30.18
N LEU C 177 -19.11 -6.52 29.45
CA LEU C 177 -20.11 -6.98 28.50
C LEU C 177 -21.42 -7.39 29.14
N GLU C 178 -21.32 -7.88 30.37
CA GLU C 178 -22.47 -8.19 31.22
C GLU C 178 -23.29 -6.92 31.48
N LYS C 179 -22.61 -5.83 31.82
CA LYS C 179 -23.26 -4.53 32.07
C LYS C 179 -23.91 -3.89 30.84
N ILE C 180 -23.24 -4.02 29.69
CA ILE C 180 -23.78 -3.61 28.40
C ILE C 180 -25.02 -4.43 28.03
N ARG C 181 -24.97 -5.75 28.27
CA ARG C 181 -26.09 -6.65 27.96
C ARG C 181 -27.38 -6.21 28.62
N LEU C 182 -27.30 -5.79 29.88
CA LEU C 182 -28.44 -5.22 30.61
C LEU C 182 -28.94 -3.91 30.00
N PHE C 183 -28.02 -3.01 29.69
CA PHE C 183 -28.37 -1.77 28.98
C PHE C 183 -29.20 -2.00 27.70
N LEU C 184 -28.83 -3.03 26.94
CA LEU C 184 -29.45 -3.27 25.64
C LEU C 184 -30.92 -3.66 25.79
N VAL C 185 -31.31 -4.04 27.01
CA VAL C 185 -32.62 -4.62 27.24
C VAL C 185 -33.73 -3.61 26.95
N ASN C 186 -33.75 -2.53 27.73
CA ASN C 186 -34.71 -1.46 27.52
C ASN C 186 -34.32 -0.51 26.38
N TYR C 187 -33.03 -0.47 26.04
CA TYR C 187 -32.55 0.26 24.87
C TYR C 187 -33.15 -0.26 23.54
N THR C 188 -33.02 -1.57 23.31
CA THR C 188 -33.52 -2.22 22.10
C THR C 188 -35.03 -2.07 21.99
N ALA C 189 -35.70 -2.40 23.09
CA ALA C 189 -37.14 -2.35 23.21
C ALA C 189 -37.67 -0.97 22.86
N THR C 190 -36.99 0.07 23.37
CA THR C 190 -37.33 1.45 23.07
C THR C 190 -37.09 1.85 21.60
N ILE C 191 -35.92 1.50 21.06
CA ILE C 191 -35.63 1.75 19.65
C ILE C 191 -36.67 1.06 18.75
N ASP C 192 -37.08 -0.15 19.11
CA ASP C 192 -38.11 -0.86 18.35
C ASP C 192 -39.43 -0.10 18.31
N VAL C 193 -39.79 0.51 19.43
CA VAL C 193 -41.03 1.26 19.54
C VAL C 193 -40.98 2.54 18.72
N ILE C 194 -39.83 3.21 18.75
CA ILE C 194 -39.65 4.44 17.94
C ILE C 194 -39.79 4.11 16.45
N TYR C 195 -39.12 3.06 16.00
CA TYR C 195 -39.28 2.61 14.60
C TYR C 195 -40.73 2.31 14.21
N GLU C 196 -41.46 1.58 15.05
CA GLU C 196 -42.83 1.19 14.79
C GLU C 196 -43.75 2.41 14.70
N MET C 197 -43.52 3.39 15.57
CA MET C 197 -44.25 4.65 15.58
C MET C 197 -44.07 5.43 14.29
N TYR C 198 -42.86 5.49 13.77
CA TYR C 198 -42.62 6.09 12.46
C TYR C 198 -43.41 5.37 11.35
N THR C 199 -43.46 4.05 11.40
CA THR C 199 -44.25 3.26 10.45
C THR C 199 -45.76 3.53 10.61
N GLN C 200 -46.29 3.43 11.83
CA GLN C 200 -47.70 3.69 12.07
C GLN C 200 -48.11 5.09 11.66
N MET C 201 -47.29 6.07 12.03
CA MET C 201 -47.56 7.50 11.82
C MET C 201 -47.24 7.98 10.41
N ASN C 202 -46.70 7.09 9.58
CA ASN C 202 -46.18 7.42 8.26
C ASN C 202 -45.12 8.53 8.26
N ALA C 203 -44.24 8.51 9.25
CA ALA C 203 -43.25 9.59 9.42
C ALA C 203 -41.86 9.22 8.89
N GLU C 204 -41.75 8.01 8.37
CA GLU C 204 -40.47 7.51 7.87
C GLU C 204 -40.19 7.94 6.44
N LEU C 205 -38.97 8.40 6.19
CA LEU C 205 -38.56 8.86 4.87
C LEU C 205 -37.33 8.10 4.41
N ASN C 206 -37.34 7.76 3.12
CA ASN C 206 -36.32 6.91 2.55
C ASN C 206 -35.31 7.67 1.67
N TYR C 207 -35.18 8.97 1.88
CA TYR C 207 -34.21 9.75 1.13
C TYR C 207 -32.75 9.44 1.55
N LYS C 208 -31.81 9.63 0.61
CA LYS C 208 -30.38 9.38 0.85
C LYS C 208 -29.61 10.67 1.02
N VAL C 209 -28.44 10.60 1.65
CA VAL C 209 -27.62 11.79 1.83
C VAL C 209 -26.29 11.72 1.04
N ALA D 2 -18.03 34.67 1.49
CA ALA D 2 -18.11 34.31 0.08
C ALA D 2 -19.52 34.51 -0.45
N LEU D 3 -19.87 35.76 -0.76
CA LEU D 3 -19.02 36.60 -1.58
C LEU D 3 -17.67 36.85 -0.91
N LEU D 4 -16.63 37.00 -1.72
CA LEU D 4 -15.27 37.09 -1.20
C LEU D 4 -14.77 38.53 -1.22
N ALA D 5 -14.90 39.18 -2.38
CA ALA D 5 -14.53 40.59 -2.52
C ALA D 5 -15.44 41.60 -1.77
N GLU D 6 -16.42 41.10 -1.03
CA GLU D 6 -17.15 41.96 -0.10
C GLU D 6 -16.45 42.12 1.26
N HIS D 7 -15.38 41.34 1.52
CA HIS D 7 -14.38 41.69 2.57
C HIS D 7 -12.92 41.35 2.29
N LEU D 8 -12.27 42.23 1.53
CA LEU D 8 -10.87 42.06 1.17
C LEU D 8 -9.97 42.09 2.39
N LEU D 9 -8.86 41.36 2.31
CA LEU D 9 -7.84 41.48 3.33
C LEU D 9 -7.01 42.77 3.08
N LYS D 10 -6.53 43.40 4.16
CA LYS D 10 -5.66 44.59 4.07
C LYS D 10 -4.41 44.29 3.25
N PRO D 11 -3.87 45.30 2.56
CA PRO D 11 -2.55 45.11 1.98
C PRO D 11 -1.49 44.92 3.05
N LEU D 12 -0.39 44.27 2.69
CA LEU D 12 0.69 44.10 3.64
C LEU D 12 1.51 45.37 3.81
N PRO D 13 1.78 45.76 5.08
CA PRO D 13 2.61 46.92 5.34
C PRO D 13 4.01 46.57 4.89
N ALA D 14 4.89 47.56 4.80
CA ALA D 14 6.27 47.32 4.40
C ALA D 14 6.99 46.31 5.30
N ASP D 15 6.77 46.38 6.61
CA ASP D 15 7.42 45.46 7.54
C ASP D 15 6.78 44.07 7.61
N LYS D 16 5.61 43.89 6.99
CA LYS D 16 4.87 42.61 6.85
C LYS D 16 4.14 42.20 8.11
N GLN D 17 3.99 43.12 9.05
CA GLN D 17 3.23 42.86 10.27
C GLN D 17 1.76 42.73 9.93
N ILE D 18 1.08 41.72 10.48
CA ILE D 18 -0.34 41.54 10.22
C ILE D 18 -1.20 41.82 11.44
N GLU D 19 -1.95 42.91 11.38
CA GLU D 19 -2.95 43.25 12.41
C GLU D 19 -3.94 42.09 12.68
N THR D 20 -4.10 41.73 13.95
CA THR D 20 -4.98 40.65 14.33
C THR D 20 -6.48 40.95 14.15
N GLY D 21 -6.92 42.13 14.57
CA GLY D 21 -8.33 42.50 14.50
C GLY D 21 -8.88 42.47 13.09
N PRO D 22 -8.36 43.36 12.22
CA PRO D 22 -8.84 43.36 10.84
C PRO D 22 -8.65 42.01 10.12
N PHE D 23 -7.82 41.12 10.66
CA PHE D 23 -7.52 39.82 10.04
C PHE D 23 -8.61 38.81 10.35
N LEU D 24 -8.92 38.69 11.65
CA LEU D 24 -9.99 37.83 12.14
C LEU D 24 -11.34 38.24 11.60
N GLU D 25 -11.58 39.55 11.52
CA GLU D 25 -12.83 40.09 10.94
C GLU D 25 -12.95 39.65 9.49
N ALA D 26 -11.85 39.76 8.74
CA ALA D 26 -11.79 39.32 7.32
C ALA D 26 -12.05 37.82 7.13
N VAL D 27 -11.34 36.98 7.85
CA VAL D 27 -11.46 35.53 7.68
C VAL D 27 -12.75 34.90 8.31
N SER D 28 -13.42 35.64 9.19
CA SER D 28 -14.71 35.26 9.72
C SER D 28 -15.76 35.20 8.58
N HIS D 29 -15.49 35.92 7.49
CA HIS D 29 -16.34 35.85 6.29
C HIS D 29 -16.15 34.59 5.43
N LEU D 30 -15.13 33.78 5.76
CA LEU D 30 -14.60 32.71 4.89
C LEU D 30 -15.15 31.29 5.10
N PRO D 31 -15.48 30.90 6.36
CA PRO D 31 -16.14 29.61 6.60
C PRO D 31 -17.45 29.31 5.82
N PRO D 32 -18.29 30.32 5.51
CA PRO D 32 -19.38 30.06 4.53
C PRO D 32 -18.93 29.57 3.12
N PHE D 33 -17.70 29.87 2.74
CA PHE D 33 -17.12 29.25 1.54
C PHE D 33 -17.51 27.80 1.36
N PHE D 34 -17.49 27.04 2.45
CA PHE D 34 -17.78 25.61 2.40
C PHE D 34 -19.24 25.31 2.22
N ASP D 35 -20.09 26.25 2.64
CA ASP D 35 -21.52 26.13 2.37
C ASP D 35 -21.81 26.24 0.86
N CYS D 36 -20.93 26.96 0.15
CA CYS D 36 -21.02 27.15 -1.30
C CYS D 36 -20.72 25.87 -2.07
N LEU D 37 -20.07 24.93 -1.38
CA LEU D 37 -19.76 23.60 -1.90
C LEU D 37 -20.97 22.61 -1.90
N GLY D 38 -22.04 22.98 -1.19
CA GLY D 38 -23.38 22.42 -1.41
C GLY D 38 -23.75 21.05 -0.86
N SER D 39 -22.92 20.52 0.05
CA SER D 39 -23.09 19.19 0.63
C SER D 39 -22.70 19.23 2.11
N PRO D 40 -23.38 18.41 2.96
CA PRO D 40 -23.05 18.36 4.38
C PRO D 40 -21.75 17.62 4.67
N VAL D 41 -21.15 16.99 3.66
CA VAL D 41 -19.82 16.41 3.83
C VAL D 41 -18.72 17.46 4.07
N PHE D 42 -19.03 18.74 3.86
CA PHE D 42 -18.03 19.82 3.99
C PHE D 42 -18.20 20.59 5.30
N THR D 43 -19.24 20.22 6.07
CA THR D 43 -19.53 20.88 7.34
C THR D 43 -18.46 20.68 8.42
N PRO D 44 -17.91 19.44 8.58
CA PRO D 44 -16.78 19.25 9.50
C PRO D 44 -15.54 20.03 9.13
N ILE D 45 -15.34 20.29 7.84
CA ILE D 45 -14.26 21.17 7.42
C ILE D 45 -14.59 22.60 7.89
N LYS D 46 -15.82 23.04 7.65
CA LYS D 46 -16.30 24.35 8.12
C LYS D 46 -16.21 24.51 9.62
N ALA D 47 -16.61 23.47 10.35
CA ALA D 47 -16.59 23.50 11.81
C ALA D 47 -15.16 23.58 12.34
N ASP D 48 -14.23 22.87 11.69
CA ASP D 48 -12.83 22.89 12.13
C ASP D 48 -12.16 24.28 11.99
N ILE D 49 -12.43 24.95 10.88
CA ILE D 49 -11.94 26.31 10.58
C ILE D 49 -12.55 27.38 11.48
N SER D 50 -13.87 27.32 11.68
CA SER D 50 -14.56 28.21 12.60
C SER D 50 -13.95 28.09 13.99
N GLY D 51 -13.59 26.88 14.39
CA GLY D 51 -13.02 26.64 15.71
C GLY D 51 -11.65 27.24 15.94
N ASN D 52 -10.86 27.33 14.87
CA ASN D 52 -9.54 27.97 14.90
C ASN D 52 -9.66 29.48 15.01
N ILE D 53 -10.48 30.05 14.14
CA ILE D 53 -10.76 31.48 14.13
C ILE D 53 -11.30 31.91 15.50
N THR D 54 -12.25 31.12 16.04
CA THR D 54 -12.88 31.38 17.35
C THR D 54 -11.87 31.37 18.52
N LYS D 55 -10.85 30.52 18.44
CA LYS D 55 -9.83 30.43 19.47
C LYS D 55 -8.90 31.64 19.44
N ILE D 56 -8.34 31.92 18.27
CA ILE D 56 -7.49 33.09 18.09
C ILE D 56 -8.22 34.34 18.54
N LYS D 57 -9.51 34.41 18.20
CA LYS D 57 -10.36 35.54 18.57
C LYS D 57 -10.57 35.66 20.09
N ALA D 58 -10.73 34.51 20.77
CA ALA D 58 -10.78 34.49 22.22
C ALA D 58 -9.50 35.07 22.86
N VAL D 59 -8.34 34.65 22.36
CA VAL D 59 -7.07 35.06 22.93
C VAL D 59 -6.85 36.53 22.65
N TYR D 60 -7.25 36.95 21.45
CA TYR D 60 -7.14 38.36 21.04
C TYR D 60 -7.99 39.29 21.90
N ASP D 61 -9.27 38.93 22.10
CA ASP D 61 -10.20 39.74 22.89
C ASP D 61 -9.79 39.90 24.36
N THR D 62 -8.98 38.99 24.90
CA THR D 62 -8.48 39.08 26.30
C THR D 62 -7.58 40.30 26.50
N ASN D 63 -6.79 40.64 25.46
CA ASN D 63 -5.87 41.78 25.43
C ASN D 63 -5.50 42.21 23.99
N PRO D 64 -6.40 42.94 23.30
CA PRO D 64 -6.17 43.34 21.90
C PRO D 64 -4.81 44.01 21.65
N ALA D 65 -4.39 44.89 22.57
CA ALA D 65 -3.11 45.61 22.48
C ALA D 65 -1.90 44.67 22.45
N LYS D 66 -1.87 43.72 23.38
CA LYS D 66 -0.77 42.76 23.51
C LYS D 66 -0.73 41.77 22.33
N PHE D 67 -1.91 41.46 21.76
CA PHE D 67 -2.04 40.57 20.58
C PHE D 67 -2.34 41.38 19.29
N ARG D 68 -1.67 42.52 19.21
CA ARG D 68 -1.77 43.52 18.15
C ARG D 68 -1.62 42.93 16.75
N THR D 69 -0.58 42.11 16.58
CA THR D 69 -0.29 41.48 15.32
C THR D 69 -0.26 39.97 15.52
N LEU D 70 -0.23 39.22 14.43
CA LEU D 70 -0.15 37.77 14.50
C LEU D 70 1.20 37.33 15.09
N GLN D 71 2.23 38.13 14.82
CA GLN D 71 3.60 37.89 15.29
C GLN D 71 3.69 37.94 16.83
N ASN D 72 3.08 38.97 17.41
CA ASN D 72 2.84 39.07 18.83
C ASN D 72 2.18 37.85 19.43
N ILE D 73 1.10 37.36 18.83
CA ILE D 73 0.46 36.14 19.33
C ILE D 73 1.51 35.03 19.59
N LEU D 74 2.42 34.82 18.63
CA LEU D 74 3.42 33.74 18.69
C LEU D 74 4.58 34.05 19.62
N GLU D 75 4.99 35.32 19.66
CA GLU D 75 5.98 35.82 20.63
C GLU D 75 5.45 35.75 22.05
N VAL D 76 4.26 36.33 22.25
CA VAL D 76 3.65 36.44 23.57
C VAL D 76 3.35 35.06 24.15
N GLU D 77 2.76 34.19 23.32
CA GLU D 77 2.48 32.83 23.75
C GLU D 77 3.75 31.99 23.96
N LYS D 78 4.89 32.48 23.47
CA LYS D 78 6.17 31.82 23.74
C LYS D 78 6.61 32.01 25.20
N GLU D 79 6.57 33.24 25.70
CA GLU D 79 6.83 33.52 27.12
C GLU D 79 5.78 32.84 27.96
N MET D 80 4.52 33.14 27.66
CA MET D 80 3.35 32.64 28.40
C MET D 80 3.31 31.14 28.65
N TYR D 81 3.82 30.36 27.70
CA TYR D 81 3.60 28.91 27.69
C TYR D 81 4.86 28.05 27.88
N GLY D 82 6.03 28.67 27.80
CA GLY D 82 7.29 27.96 27.95
C GLY D 82 7.53 26.96 26.84
N ALA D 83 7.61 25.67 27.19
CA ALA D 83 7.96 24.61 26.23
C ALA D 83 6.79 23.78 25.68
N GLU D 84 5.56 24.09 26.09
CA GLU D 84 4.36 23.52 25.46
C GLU D 84 4.11 24.17 24.08
N TRP D 85 4.34 25.48 24.01
CA TRP D 85 4.46 26.24 22.74
C TRP D 85 5.51 25.59 21.80
N PRO D 86 5.23 25.48 20.48
CA PRO D 86 4.13 26.05 19.66
C PRO D 86 2.80 25.29 19.64
N LYS D 87 2.76 24.11 20.24
CA LYS D 87 1.56 23.27 20.20
C LYS D 87 0.51 23.67 21.24
N VAL D 88 0.10 24.94 21.22
CA VAL D 88 -0.78 25.45 22.26
C VAL D 88 -1.51 26.73 21.84
N GLY D 89 -2.65 26.98 22.49
CA GLY D 89 -3.43 28.22 22.32
C GLY D 89 -3.70 28.67 20.89
N ALA D 90 -3.55 29.96 20.65
CA ALA D 90 -3.82 30.56 19.33
C ALA D 90 -2.71 30.33 18.28
N THR D 91 -1.53 29.86 18.72
CA THR D 91 -0.43 29.57 17.81
C THR D 91 -0.75 28.30 17.04
N LEU D 92 -1.25 27.30 17.75
CA LEU D 92 -1.65 26.04 17.18
C LEU D 92 -2.95 26.18 16.38
N ALA D 93 -3.86 27.03 16.85
CA ALA D 93 -5.07 27.37 16.08
C ALA D 93 -4.71 27.99 14.74
N LEU D 94 -3.75 28.91 14.75
CA LEU D 94 -3.37 29.61 13.54
C LEU D 94 -2.52 28.73 12.60
N MET D 95 -1.75 27.81 13.20
CA MET D 95 -0.97 26.84 12.43
C MET D 95 -1.88 25.94 11.57
N TRP D 96 -3.05 25.60 12.09
CA TRP D 96 -4.05 24.85 11.35
C TRP D 96 -4.94 25.76 10.50
N LEU D 97 -5.12 26.99 10.96
CA LEU D 97 -5.90 27.93 10.20
C LEU D 97 -5.24 28.24 8.83
N LYS D 98 -3.94 28.50 8.82
CA LYS D 98 -3.23 28.90 7.59
C LYS D 98 -3.30 27.82 6.49
N ARG D 99 -3.49 26.59 6.94
CA ARG D 99 -3.57 25.42 6.09
C ARG D 99 -4.94 25.36 5.41
N GLY D 100 -5.98 25.73 6.15
CA GLY D 100 -7.33 25.80 5.61
C GLY D 100 -7.53 26.98 4.70
N LEU D 101 -6.90 28.08 5.07
CA LEU D 101 -6.86 29.28 4.25
C LEU D 101 -6.05 29.08 2.96
N ARG D 102 -4.89 28.44 3.05
CA ARG D 102 -4.19 27.98 1.86
C ARG D 102 -5.04 27.06 0.96
N PHE D 103 -5.83 26.15 1.55
CA PHE D 103 -6.69 25.27 0.77
C PHE D 103 -7.63 26.08 -0.10
N ILE D 104 -8.30 27.05 0.52
CA ILE D 104 -9.17 27.99 -0.17
C ILE D 104 -8.38 28.75 -1.23
N GLN D 105 -7.26 29.32 -0.84
CA GLN D 105 -6.40 30.04 -1.76
C GLN D 105 -6.03 29.27 -3.05
N VAL D 106 -5.40 28.10 -2.89
CA VAL D 106 -4.96 27.29 -4.01
C VAL D 106 -6.18 26.84 -4.85
N PHE D 107 -7.30 26.53 -4.22
CA PHE D 107 -8.55 26.02 -4.85
C PHE D 107 -9.13 27.05 -5.81
N LEU D 108 -9.40 28.22 -5.26
CA LEU D 108 -9.86 29.38 -5.99
C LEU D 108 -8.93 29.80 -7.11
N GLN D 109 -7.63 29.81 -6.85
CA GLN D 109 -6.61 30.23 -7.84
C GLN D 109 -6.52 29.24 -8.99
N SER D 110 -6.59 27.96 -8.65
CA SER D 110 -6.75 26.86 -9.59
C SER D 110 -7.90 27.06 -10.58
N ILE D 111 -9.10 27.40 -10.05
CA ILE D 111 -10.28 27.69 -10.89
C ILE D 111 -10.02 28.92 -11.76
N CYS D 112 -9.49 29.99 -11.16
CA CYS D 112 -9.10 31.18 -11.91
C CYS D 112 -8.06 30.96 -13.02
N ASP D 113 -7.17 30.00 -12.81
CA ASP D 113 -6.09 29.71 -13.75
C ASP D 113 -6.57 28.81 -14.87
N GLY D 114 -7.80 28.33 -14.77
CA GLY D 114 -8.46 27.57 -15.82
C GLY D 114 -8.11 26.10 -15.82
N GLU D 115 -7.56 25.59 -14.73
CA GLU D 115 -7.23 24.16 -14.64
C GLU D 115 -8.51 23.36 -14.51
N ARG D 116 -8.63 22.32 -15.33
CA ARG D 116 -9.80 21.46 -15.33
C ARG D 116 -9.44 20.06 -15.82
N ASP D 117 -10.36 19.12 -15.61
CA ASP D 117 -10.31 17.83 -16.29
C ASP D 117 -11.18 18.03 -17.52
N GLU D 118 -10.60 17.74 -18.69
CA GLU D 118 -11.22 18.06 -19.98
C GLU D 118 -12.37 17.14 -20.34
N ASN D 119 -12.42 15.97 -19.68
CA ASN D 119 -13.55 15.06 -19.79
C ASN D 119 -14.75 15.52 -18.98
N HIS D 120 -14.49 16.31 -17.92
CA HIS D 120 -15.58 16.86 -17.09
C HIS D 120 -15.34 18.33 -16.73
N PRO D 121 -15.55 19.25 -17.71
CA PRO D 121 -15.28 20.69 -17.48
C PRO D 121 -16.20 21.43 -16.48
N ASN D 122 -17.45 20.99 -16.30
CA ASN D 122 -18.35 21.58 -15.30
C ASN D 122 -18.16 20.98 -13.88
N LEU D 123 -17.09 20.22 -13.71
CA LEU D 123 -16.68 19.77 -12.38
C LEU D 123 -15.44 20.52 -11.87
N ILE D 124 -15.22 20.45 -10.55
CA ILE D 124 -14.11 21.15 -9.89
C ILE D 124 -13.30 20.25 -8.95
N ARG D 125 -13.20 18.97 -9.33
CA ARG D 125 -12.58 17.97 -8.47
C ARG D 125 -11.04 18.01 -8.56
N VAL D 126 -10.53 18.41 -9.72
CA VAL D 126 -9.08 18.53 -9.92
C VAL D 126 -8.53 19.74 -9.16
N ASN D 127 -9.37 20.76 -8.97
CA ASN D 127 -8.99 21.98 -8.29
C ASN D 127 -8.98 21.76 -6.80
N ALA D 128 -10.04 21.12 -6.33
CA ALA D 128 -10.13 20.61 -4.95
C ALA D 128 -8.97 19.68 -4.58
N THR D 129 -8.69 18.73 -5.47
CA THR D 129 -7.64 17.75 -5.30
C THR D 129 -6.26 18.36 -5.16
N LYS D 130 -5.92 19.25 -6.09
CA LYS D 130 -4.70 20.04 -6.08
C LYS D 130 -4.59 20.90 -4.82
N ALA D 131 -5.68 21.58 -4.46
CA ALA D 131 -5.76 22.38 -3.25
C ALA D 131 -5.49 21.61 -1.95
N TYR D 132 -6.04 20.40 -1.85
CA TYR D 132 -5.83 19.48 -0.73
C TYR D 132 -4.39 18.98 -0.67
N GLU D 133 -3.90 18.47 -1.80
CA GLU D 133 -2.55 17.94 -1.91
C GLU D 133 -1.49 18.92 -1.40
N MET D 134 -1.61 20.19 -1.78
CA MET D 134 -0.58 21.13 -1.42
C MET D 134 -0.84 22.01 -0.16
N ALA D 135 -1.99 21.81 0.48
CA ALA D 135 -2.33 22.47 1.76
C ALA D 135 -2.46 21.57 3.01
N LEU D 136 -2.99 20.35 2.85
CA LEU D 136 -3.34 19.52 4.01
C LEU D 136 -2.90 18.08 3.99
N LYS D 137 -2.86 17.50 2.80
CA LYS D 137 -2.53 16.09 2.61
C LYS D 137 -1.33 15.62 3.46
N LYS D 138 -0.26 16.39 3.48
CA LYS D 138 0.98 16.07 4.23
C LYS D 138 0.78 15.92 5.75
N TYR D 139 -0.30 16.50 6.27
CA TYR D 139 -0.58 16.48 7.71
C TYR D 139 -1.67 15.48 8.05
N HIS D 140 -1.99 14.63 7.09
CA HIS D 140 -3.01 13.64 7.31
C HIS D 140 -2.39 12.27 7.13
N GLY D 141 -2.83 11.31 7.94
CA GLY D 141 -2.45 9.91 7.78
C GLY D 141 -3.29 9.37 6.64
N TRP D 142 -3.03 8.12 6.21
CA TRP D 142 -3.73 7.50 5.08
C TRP D 142 -5.22 7.31 5.35
N ILE D 143 -5.61 7.29 6.63
CA ILE D 143 -7.02 7.11 6.94
C ILE D 143 -7.78 8.38 6.51
N VAL D 144 -7.46 9.49 7.17
CA VAL D 144 -8.01 10.83 6.89
C VAL D 144 -7.93 11.18 5.41
N GLN D 145 -6.82 10.81 4.80
CA GLN D 145 -6.61 11.00 3.36
C GLN D 145 -7.61 10.28 2.47
N LYS D 146 -7.94 9.03 2.81
CA LYS D 146 -9.00 8.25 2.15
C LYS D 146 -10.34 8.90 2.38
N ILE D 147 -10.54 9.45 3.57
CA ILE D 147 -11.80 10.14 3.86
C ILE D 147 -11.93 11.36 2.96
N PHE D 148 -10.92 12.22 3.01
CA PHE D 148 -10.91 13.45 2.26
C PHE D 148 -11.07 13.19 0.79
N GLN D 149 -10.38 12.19 0.26
CA GLN D 149 -10.54 11.90 -1.16
C GLN D 149 -11.87 11.28 -1.61
N ALA D 150 -12.57 10.65 -0.69
CA ALA D 150 -13.90 10.18 -0.94
C ALA D 150 -14.83 11.37 -0.83
N ALA D 151 -14.52 12.27 0.09
CA ALA D 151 -15.26 13.51 0.30
C ALA D 151 -15.10 14.51 -0.83
N LEU D 152 -14.02 14.40 -1.62
CA LEU D 152 -13.72 15.34 -2.72
C LEU D 152 -14.63 15.14 -3.93
N TYR D 153 -15.18 13.94 -4.05
CA TYR D 153 -16.38 13.77 -4.86
C TYR D 153 -17.43 14.57 -4.09
N ALA D 154 -18.63 14.75 -4.60
CA ALA D 154 -19.59 15.54 -3.80
C ALA D 154 -19.34 17.04 -3.87
N ALA D 155 -18.18 17.43 -4.43
CA ALA D 155 -17.90 18.82 -4.81
C ALA D 155 -18.96 19.19 -5.84
N PRO D 156 -19.43 20.44 -5.83
CA PRO D 156 -20.55 20.79 -6.69
C PRO D 156 -20.16 20.91 -8.17
N TYR D 157 -21.16 21.13 -9.03
CA TYR D 157 -20.88 21.57 -10.40
C TYR D 157 -20.23 22.93 -10.32
N LYS D 158 -19.25 23.15 -11.18
CA LYS D 158 -18.51 24.40 -11.26
C LYS D 158 -19.44 25.62 -11.34
N SER D 159 -20.47 25.54 -12.18
CA SER D 159 -21.37 26.66 -12.45
C SER D 159 -22.31 26.91 -11.29
N ASP D 160 -22.62 25.83 -10.57
CA ASP D 160 -23.36 25.92 -9.32
C ASP D 160 -22.51 26.59 -8.28
N PHE D 161 -21.27 26.09 -8.15
CA PHE D 161 -20.32 26.63 -7.18
C PHE D 161 -20.07 28.12 -7.33
N LEU D 162 -19.84 28.57 -8.56
CA LEU D 162 -19.60 29.98 -8.86
C LEU D 162 -20.83 30.85 -8.64
N LYS D 163 -22.01 30.29 -8.91
CA LYS D 163 -23.27 31.00 -8.64
C LYS D 163 -23.52 31.14 -7.12
N ALA D 164 -23.14 30.12 -6.35
CA ALA D 164 -23.16 30.23 -4.88
C ALA D 164 -22.16 31.28 -4.36
N LEU D 165 -20.98 31.34 -4.94
CA LEU D 165 -20.01 32.35 -4.58
C LEU D 165 -20.49 33.78 -4.89
N SER D 166 -21.34 33.93 -5.91
CA SER D 166 -21.96 35.22 -6.23
C SER D 166 -23.19 35.48 -5.40
N LYS D 167 -23.44 34.59 -4.42
CA LYS D 167 -24.62 34.56 -3.54
C LYS D 167 -25.93 34.68 -4.30
N GLY D 168 -26.22 33.63 -5.07
CA GLY D 168 -27.45 33.53 -5.86
C GLY D 168 -27.68 34.60 -6.91
N GLN D 169 -26.68 35.44 -7.15
CA GLN D 169 -26.74 36.47 -8.17
C GLN D 169 -26.40 35.88 -9.54
N ASN D 170 -27.02 36.42 -10.59
CA ASN D 170 -26.73 36.05 -11.96
C ASN D 170 -25.65 36.96 -12.50
N VAL D 171 -24.44 36.40 -12.66
CA VAL D 171 -23.27 37.12 -13.12
C VAL D 171 -22.50 36.17 -14.04
N THR D 172 -21.79 36.66 -15.05
CA THR D 172 -21.01 35.71 -15.89
C THR D 172 -19.85 35.02 -15.19
N GLU D 173 -19.47 33.85 -15.70
CA GLU D 173 -18.31 33.12 -15.18
C GLU D 173 -17.09 34.04 -15.03
N GLU D 174 -16.88 34.88 -16.05
CA GLU D 174 -15.68 35.70 -16.14
C GLU D 174 -15.72 36.85 -15.13
N GLU D 175 -16.88 37.51 -15.04
CA GLU D 175 -17.09 38.53 -14.04
C GLU D 175 -16.88 37.98 -12.63
N CYS D 176 -17.47 36.81 -12.37
CA CYS D 176 -17.27 36.13 -11.11
C CYS D 176 -15.80 35.86 -10.82
N LEU D 177 -15.13 35.20 -11.76
CA LEU D 177 -13.71 34.86 -11.65
C LEU D 177 -12.79 36.03 -11.38
N GLU D 178 -13.11 37.17 -11.98
CA GLU D 178 -12.32 38.38 -11.86
C GLU D 178 -12.43 39.02 -10.47
N LYS D 179 -13.61 38.91 -9.87
CA LYS D 179 -13.86 39.27 -8.47
C LYS D 179 -13.03 38.39 -7.53
N ILE D 180 -12.87 37.12 -7.91
CA ILE D 180 -12.05 36.18 -7.17
C ILE D 180 -10.54 36.53 -7.28
N ARG D 181 -10.04 36.81 -8.48
CA ARG D 181 -8.64 37.26 -8.60
C ARG D 181 -8.32 38.48 -7.73
N LEU D 182 -9.26 39.40 -7.67
CA LEU D 182 -9.10 40.59 -6.84
C LEU D 182 -8.97 40.26 -5.34
N PHE D 183 -9.85 39.39 -4.83
CA PHE D 183 -9.74 38.86 -3.48
C PHE D 183 -8.39 38.15 -3.22
N LEU D 184 -7.96 37.36 -4.20
CA LEU D 184 -6.81 36.48 -4.03
C LEU D 184 -5.53 37.29 -3.83
N VAL D 185 -5.59 38.58 -4.16
CA VAL D 185 -4.38 39.40 -4.22
C VAL D 185 -3.73 39.54 -2.85
N ASN D 186 -4.44 40.17 -1.92
CA ASN D 186 -3.95 40.33 -0.56
C ASN D 186 -4.11 39.06 0.26
N TYR D 187 -5.17 38.31 -0.01
CA TYR D 187 -5.37 37.02 0.59
C TYR D 187 -4.12 36.14 0.48
N THR D 188 -3.68 35.88 -0.75
CA THR D 188 -2.52 35.03 -1.02
C THR D 188 -1.24 35.60 -0.40
N ALA D 189 -0.99 36.88 -0.65
CA ALA D 189 0.12 37.61 -0.07
C ALA D 189 0.19 37.45 1.48
N THR D 190 -0.97 37.56 2.12
CA THR D 190 -1.12 37.38 3.58
C THR D 190 -0.75 35.99 4.12
N ILE D 191 -1.22 34.95 3.44
CA ILE D 191 -1.02 33.58 3.85
C ILE D 191 0.46 33.21 3.78
N ASP D 192 1.13 33.70 2.73
CA ASP D 192 2.58 33.52 2.51
C ASP D 192 3.39 34.14 3.66
N VAL D 193 3.04 35.36 4.03
CA VAL D 193 3.62 36.03 5.17
C VAL D 193 3.39 35.24 6.49
N ILE D 194 2.21 34.65 6.67
CA ILE D 194 1.96 33.82 7.90
C ILE D 194 2.74 32.51 7.86
N TYR D 195 2.75 31.85 6.70
CA TYR D 195 3.64 30.68 6.51
C TYR D 195 5.12 30.98 6.78
N GLU D 196 5.64 32.10 6.26
CA GLU D 196 7.04 32.46 6.42
C GLU D 196 7.38 32.80 7.89
N MET D 197 6.42 33.41 8.60
CA MET D 197 6.47 33.60 10.06
C MET D 197 6.53 32.29 10.85
N TYR D 198 5.68 31.31 10.50
CA TYR D 198 5.72 30.01 11.18
C TYR D 198 7.08 29.32 11.00
N THR D 199 7.62 29.41 9.77
CA THR D 199 8.97 28.93 9.48
C THR D 199 10.02 29.65 10.32
N GLN D 200 9.98 30.97 10.37
CA GLN D 200 11.01 31.78 11.03
C GLN D 200 10.99 31.73 12.56
N MET D 201 9.81 31.55 13.12
CA MET D 201 9.60 31.55 14.57
C MET D 201 9.80 30.15 15.11
N ASN D 202 10.01 29.19 14.20
CA ASN D 202 10.10 27.77 14.53
C ASN D 202 8.82 27.26 15.17
N ALA D 203 7.69 27.68 14.61
CA ALA D 203 6.39 27.36 15.18
C ALA D 203 5.66 26.28 14.39
N GLU D 204 6.25 25.89 13.27
CA GLU D 204 5.63 24.90 12.39
C GLU D 204 5.83 23.47 12.91
N LEU D 205 4.73 22.72 12.98
CA LEU D 205 4.77 21.33 13.40
C LEU D 205 4.31 20.45 12.23
N ASN D 206 4.76 19.20 12.23
CA ASN D 206 4.56 18.27 11.09
C ASN D 206 3.84 17.00 11.49
N TYR D 207 3.32 16.96 12.72
CA TYR D 207 2.59 15.79 13.21
C TYR D 207 1.31 15.58 12.41
N LYS D 208 1.01 14.31 12.14
CA LYS D 208 -0.08 13.97 11.25
C LYS D 208 -1.32 13.59 12.06
N VAL D 209 -2.48 13.71 11.43
CA VAL D 209 -3.73 13.30 12.06
C VAL D 209 -4.32 12.07 11.36
C43 EIS E . 20.45 -18.46 -0.41
O EIS E . 20.68 -17.42 -1.33
C44 EIS E . 19.41 -19.46 -0.90
O3 EIS E . 18.13 -18.87 -1.03
C45 EIS E . 19.35 -20.64 0.08
C46 EIS E . 20.74 -21.17 0.50
O5 EIS E . 21.30 -21.95 -0.53
C47 EIS E . 21.70 -20.03 0.82
C48 EIS E . 23.14 -20.53 1.01
O7 EIS E . 23.90 -19.44 1.48
O6 EIS E . 21.69 -19.11 -0.25
O1 EIS E . 22.28 -16.15 -3.70
C2 EIS E . 20.96 -15.70 -3.41
C1 EIS E . 20.89 -15.24 -1.94
N EIS E . 19.54 -14.81 -1.58
C EIS E . 21.30 -16.32 -0.94
C3 EIS E . 20.62 -14.60 -4.35
C4 EIS E . 19.33 -14.59 -5.08
C5 EIS E . 19.00 -13.39 -5.95
C6 EIS E . 19.73 -13.51 -7.29
C7 EIS E . 20.98 -12.64 -7.28
C8 EIS E . 22.02 -13.11 -8.29
C9 EIS E . 22.26 -12.05 -9.35
C10 EIS E . 23.53 -12.32 -10.14
C11 EIS E . 23.29 -12.75 -11.58
C12 EIS E . 24.39 -12.16 -12.46
C13 EIS E . 24.50 -12.89 -13.79
C14 EIS E . 25.17 -12.05 -14.86
C15 EIS E . 24.85 -12.57 -16.25
C16 EIS E . 24.53 -11.46 -17.23
C17 EIS E . 25.57 -11.48 -18.35
C29 EIS E . 13.35 -4.23 -6.65
C28 EIS E . 13.52 -5.65 -6.12
C27 EIS E . 14.62 -5.69 -5.05
C26 EIS E . 15.03 -7.12 -4.72
C25 EIS E . 14.53 -7.51 -3.34
C24 EIS E . 14.51 -9.02 -3.09
C23 EIS E . 15.88 -9.66 -3.28
C22 EIS E . 15.97 -10.96 -2.49
C21 EIS E . 17.05 -11.88 -3.09
C20 EIS E . 16.93 -13.32 -2.56
C19 EIS E . 17.47 -13.41 -1.14
C18 EIS E . 18.94 -13.83 -1.11
O2 EIS E . 19.77 -12.67 -1.29
S EIS E . 17.96 -22.78 0.50
O4 EIS E . 18.37 -21.54 -0.16
O10 EIS E . 18.93 -23.81 0.16
O9 EIS E . 16.60 -23.17 0.10
O8 EIS E . 18.03 -22.51 1.94
C43 EIS F . 15.79 -16.14 -22.59
O EIS F . 16.71 -15.41 -21.81
C44 EIS F . 15.56 -17.52 -22.00
O3 EIS F . 16.79 -18.24 -21.90
C45 EIS F . 14.56 -18.28 -22.86
C46 EIS F . 13.28 -17.47 -23.04
O5 EIS F . 12.57 -17.49 -21.81
C47 EIS F . 13.61 -16.04 -23.49
C48 EIS F . 12.40 -15.11 -23.62
O7 EIS F . 12.83 -13.91 -24.21
O6 EIS F . 14.55 -15.47 -22.59
O1 EIS F . 16.86 -12.80 -19.28
C2 EIS F . 17.91 -13.73 -19.48
C1 EIS F . 18.32 -13.79 -20.95
N EIS F . 19.42 -14.74 -21.11
C EIS F . 17.17 -14.18 -21.89
C3 EIS F . 19.11 -13.43 -18.62
C4 EIS F . 19.65 -14.54 -17.79
C5 EIS F . 20.94 -14.43 -17.02
C6 EIS F . 20.61 -14.07 -15.58
C7 EIS F . 21.15 -12.69 -15.19
C8 EIS F . 20.06 -11.61 -15.12
C9 EIS F . 19.33 -11.61 -13.77
C10 EIS F . 19.85 -10.57 -12.79
C11 EIS F . 19.54 -10.95 -11.35
C12 EIS F . 18.76 -9.82 -10.66
C13 EIS F . 18.79 -9.92 -9.13
C14 EIS F . 18.91 -8.55 -8.46
C15 EIS F . 18.40 -8.56 -7.03
C16 EIS F . 19.39 -7.91 -6.06
C17 EIS F . 19.54 -8.67 -4.74
C29 EIS F . 32.12 -14.33 -16.15
C28 EIS F . 30.76 -14.98 -16.35
C27 EIS F . 29.91 -14.12 -17.28
C26 EIS F . 28.53 -14.71 -17.51
C25 EIS F . 28.05 -14.56 -18.95
C24 EIS F . 27.12 -15.71 -19.36
C23 EIS F . 25.67 -15.20 -19.42
C22 EIS F . 24.73 -16.19 -20.11
C21 EIS F . 23.33 -16.05 -19.51
C20 EIS F . 22.23 -16.55 -20.43
C19 EIS F . 21.96 -15.58 -21.58
C18 EIS F . 20.62 -14.86 -21.46
O2 EIS F . 20.83 -13.45 -21.47
S EIS F . 13.63 -20.67 -23.28
O4 EIS F . 14.50 -19.60 -22.76
O10 EIS F . 12.35 -20.52 -22.62
O9 EIS F . 14.13 -22.00 -22.99
O8 EIS F . 13.47 -20.50 -24.72
C43 EIS G . -29.20 14.35 9.19
O EIS G . -27.99 13.66 8.97
C44 EIS G . -29.05 15.27 10.41
O3 EIS G . -28.68 14.53 11.55
C45 EIS G . -30.39 15.95 10.68
C46 EIS G . -30.86 16.67 9.41
O5 EIS G . -30.02 17.79 9.25
C47 EIS G . -30.82 15.78 8.16
C48 EIS G . -31.08 16.62 6.91
O7 EIS G . -31.64 15.86 5.86
O6 EIS G . -29.58 15.10 8.05
O1 EIS G . -25.13 13.79 7.28
C2 EIS G . -25.22 13.02 8.46
C1 EIS G . -26.35 11.99 8.32
N EIS G . -26.42 11.03 9.43
C EIS G . -27.69 12.68 8.12
C3 EIS G . -23.89 12.37 8.71
C4 EIS G . -23.03 12.87 9.78
C5 EIS G . -21.56 13.10 9.57
C6 EIS G . -21.32 13.94 8.31
C7 EIS G . -21.02 13.04 7.12
C8 EIS G . -20.07 13.70 6.14
C9 EIS G . -18.64 13.29 6.44
C10 EIS G . -17.73 14.51 6.48
C11 EIS G . -16.26 14.09 6.42
C12 EIS G . -15.67 14.32 5.04
C13 EIS G . -14.87 15.62 4.91
C14 EIS G . -13.49 15.51 5.51
C15 EIS G . -13.47 16.06 6.94
C16 EIS G . -12.04 16.32 7.42
C17 EIS G . -11.88 17.74 7.95
C29 EIS G . -17.03 2.54 13.79
C28 EIS G . -18.02 3.69 13.67
C27 EIS G . -18.35 4.00 12.21
C26 EIS G . -19.31 5.17 12.07
C25 EIS G . -20.78 4.75 12.04
C24 EIS G . -21.62 5.42 13.13
C23 EIS G . -22.80 6.22 12.55
C22 EIS G . -23.51 7.11 13.58
C21 EIS G . -24.79 7.77 13.07
C20 EIS G . -24.64 8.84 11.98
C19 EIS G . -26.03 9.24 11.43
C18 EIS G . -26.03 10.07 10.16
O2 EIS G . -25.57 9.26 9.07
S EIS G . -31.52 17.41 12.45
O4 EIS G . -30.43 16.70 11.78
O10 EIS G . -31.55 18.81 12.11
O9 EIS G . -31.38 17.35 13.91
O8 EIS G . -32.75 16.79 11.97
C43 EIS H . -6.69 20.39 14.81
O EIS H . -7.38 19.64 13.83
C44 EIS H . -7.55 21.56 15.34
O3 EIS H . -7.85 22.50 14.34
C45 EIS H . -6.86 22.24 16.53
C46 EIS H . -6.23 21.24 17.51
O5 EIS H . -7.24 20.68 18.33
C47 EIS H . -5.47 20.15 16.76
C48 EIS H . -4.80 19.10 17.65
O7 EIS H . -3.85 18.39 16.88
O6 EIS H . -6.40 19.55 15.90
O1 EIS H . -8.52 16.31 13.19
C2 EIS H . -8.79 17.46 12.42
C1 EIS H . -7.47 18.13 11.97
N EIS H . -7.68 19.10 10.91
C EIS H . -6.70 18.75 13.12
C3 EIS H . -9.72 17.10 11.28
C4 EIS H . -11.19 17.21 11.47
C5 EIS H . -12.18 16.59 10.51
C6 EIS H . -12.73 15.23 11.00
C7 EIS H . -12.36 14.05 10.10
C8 EIS H . -13.39 12.92 10.26
C9 EIS H . -14.26 12.67 9.02
C10 EIS H . -15.07 11.39 9.17
C11 EIS H . -16.57 11.68 9.19
C12 EIS H . -17.37 10.37 9.18
C13 EIS H . -18.85 10.54 8.80
C14 EIS H . -19.66 9.26 9.09
C15 EIS H . -20.78 8.97 8.08
C16 EIS H . -20.81 7.49 7.67
C17 EIS H . -21.36 6.57 8.75
C25 EIS H . -10.20 22.24 3.74
C24 EIS H . -9.59 21.61 4.98
C23 EIS H . -9.67 22.57 6.17
C22 EIS H . -10.45 21.91 7.30
C21 EIS H . -9.57 21.63 8.52
C20 EIS H . -9.50 20.14 8.77
C19 EIS H . -8.10 19.66 8.45
C18 EIS H . -7.40 19.10 9.69
O2 EIS H . -6.48 18.09 9.29
S EIS H . -7.39 24.50 17.73
O4 EIS H . -7.60 23.26 16.97
O10 EIS H . -7.63 24.27 19.16
O9 EIS H . -8.34 25.53 17.29
O8 EIS H . -6.00 24.88 17.53
#